data_8KC2
#
_entry.id   8KC2
#
_cell.length_a   1.00
_cell.length_b   1.00
_cell.length_c   1.00
_cell.angle_alpha   90.00
_cell.angle_beta   90.00
_cell.angle_gamma   90.00
#
_symmetry.space_group_name_H-M   'P 1'
#
loop_
_entity.id
_entity.type
_entity.pdbx_description
1 polymer 'Angiotensin-converting enzyme'
2 polymer 'Spike protein S1'
3 branched 2-acetamido-2-deoxy-beta-D-glucopyranose-(1-4)-2-acetamido-2-deoxy-beta-D-glucopyranose
4 non-polymer 'ZINC ION'
5 non-polymer 2-acetamido-2-deoxy-beta-D-glucopyranose
#
loop_
_entity_poly.entity_id
_entity_poly.type
_entity_poly.pdbx_seq_one_letter_code
_entity_poly.pdbx_strand_id
1 'polypeptide(L)'
;SIIEEQAKTFLDKFNQEAEDLSYQSALASWNYNTNITEENAQKMNEAAAKWSAFYEEQSKLAKNYSLQEVQNLTIKRQLQ
ALQQSGSSALSADKNKQLNTILNTMSTIYSTGKVCNPKNPQECLLLEPGLDDIMATSTDYNERLWAWEGWRAEVGKQLRP
LYEEYVVLKNEMARANNYEDYGDYWRGDYEAEGADGYNYNGNQLIEDVERTFKEIKPLYEQLHAYVRTKLMNTYPSYISP
TGCLPAHLLGDMWGRFWTNLYPLTVPFGQKPNIDVTDAMVNQGWNAERIFKEAEKFFVSVGLPYMTQGFWENSMLTDPGD
DRKVVCHPTAWDLGKGDFRIKMCTKVTMDNFLTAHHEMGHIQYDMAYATQPFLLRNGANEGFHEAVGEIMSLSAATPEHL
KSIGLLPSDFQEDNETEINFLLKQALTIVGTLPFTYMLEKWRWMVFKGDIPKEQWMEKWWEMKREIVGVVEPLPHDETYC
DPAALFHVSNDYSFIRYYTRTIYQFQFQEALCQAAKHDGPLHKCDISNSTEAGQKLLNMLRLGKSEPWTLALENVVGARN
MDVRPLLNYFEPLSVWLKEQNKNSFVGWNTDWSPYA
;
A
2 'polypeptide(L)'
;TNLCPFDEVFNATRFASVYAWNRKRISNCVADYSVLYNFAPFFTFKCYGVSPTKLNDLCFTNVYADSFVIRGNEVRQIAP
GQTGNIADYNYKLPDDFTGCVIAWNSNKLDSKVSGNYNYLYRLFRKSNLKPFERDISTEIYQAGNKPCNGVAGFNCYFPL
RSYGFRPTYGVGHQPYRVVVLSFELLHAPATVCG
;
E
#
loop_
_chem_comp.id
_chem_comp.type
_chem_comp.name
_chem_comp.formula
NAG D-saccharide, beta linking 2-acetamido-2-deoxy-beta-D-glucopyranose 'C8 H15 N O6'
ZN non-polymer 'ZINC ION' 'Zn 2'
#
# COMPACT_ATOMS: atom_id res chain seq x y z
N SER A 1 30.50 -14.39 -11.31
CA SER A 1 29.23 -14.09 -11.94
C SER A 1 28.46 -15.37 -12.26
N ILE A 2 28.91 -16.48 -11.69
CA ILE A 2 28.21 -17.75 -11.87
C ILE A 2 27.01 -17.85 -10.93
N ILE A 3 27.03 -17.15 -9.80
CA ILE A 3 25.91 -17.17 -8.87
C ILE A 3 24.80 -16.22 -9.30
N GLU A 4 25.13 -15.17 -10.06
CA GLU A 4 24.12 -14.23 -10.52
C GLU A 4 23.10 -14.89 -11.44
N GLU A 5 23.59 -15.70 -12.39
CA GLU A 5 22.69 -16.41 -13.29
C GLU A 5 21.81 -17.39 -12.55
N GLN A 6 22.39 -18.12 -11.58
CA GLN A 6 21.61 -19.05 -10.78
C GLN A 6 20.54 -18.33 -9.98
N ALA A 7 20.88 -17.17 -9.42
CA ALA A 7 19.90 -16.39 -8.67
C ALA A 7 18.77 -15.92 -9.56
N LYS A 8 19.07 -15.45 -10.77
CA LYS A 8 18.02 -15.04 -11.69
C LYS A 8 17.11 -16.20 -12.05
N THR A 9 17.69 -17.35 -12.36
CA THR A 9 16.88 -18.52 -12.73
C THR A 9 15.99 -18.97 -11.57
N PHE A 10 16.51 -18.91 -10.35
CA PHE A 10 15.70 -19.28 -9.18
C PHE A 10 14.58 -18.27 -8.95
N LEU A 11 14.88 -16.98 -9.12
CA LEU A 11 13.89 -15.93 -8.86
C LEU A 11 12.75 -15.98 -9.87
N ASP A 12 13.04 -16.35 -11.12
CA ASP A 12 11.97 -16.46 -12.11
C ASP A 12 10.92 -17.48 -11.67
N LYS A 13 11.37 -18.66 -11.26
CA LYS A 13 10.44 -19.69 -10.78
C LYS A 13 9.69 -19.22 -9.54
N PHE A 14 10.40 -18.60 -8.60
CA PHE A 14 9.73 -18.12 -7.39
C PHE A 14 8.63 -17.13 -7.75
N ASN A 15 8.92 -16.22 -8.68
CA ASN A 15 7.92 -15.22 -9.08
C ASN A 15 6.70 -15.89 -9.68
N GLN A 16 6.89 -16.76 -10.65
CA GLN A 16 5.74 -17.39 -11.34
C GLN A 16 4.84 -18.11 -10.34
N GLU A 17 5.41 -18.80 -9.35
CA GLU A 17 4.51 -19.57 -8.45
C GLU A 17 4.00 -18.73 -7.28
N ALA A 18 4.67 -17.63 -6.92
CA ALA A 18 4.16 -16.75 -5.88
C ALA A 18 3.00 -15.91 -6.39
N GLU A 19 3.02 -15.53 -7.67
CA GLU A 19 1.90 -14.77 -8.22
C GLU A 19 0.57 -15.52 -8.02
N ASP A 20 0.53 -16.79 -8.44
CA ASP A 20 -0.70 -17.57 -8.34
C ASP A 20 -1.11 -17.78 -6.89
N LEU A 21 -0.16 -18.16 -6.03
CA LEU A 21 -0.54 -18.42 -4.64
C LEU A 21 -1.06 -17.15 -3.95
N SER A 22 -0.38 -16.02 -4.17
CA SER A 22 -0.82 -14.77 -3.56
C SER A 22 -2.19 -14.35 -4.07
N TYR A 23 -2.44 -14.53 -5.37
CA TYR A 23 -3.76 -14.17 -5.89
C TYR A 23 -4.85 -15.01 -5.26
N GLN A 24 -4.63 -16.32 -5.13
CA GLN A 24 -5.65 -17.18 -4.53
C GLN A 24 -5.93 -16.77 -3.09
N SER A 25 -4.87 -16.49 -2.32
CA SER A 25 -5.06 -16.08 -0.93
C SER A 25 -5.82 -14.77 -0.83
N ALA A 26 -5.47 -13.79 -1.68
CA ALA A 26 -6.15 -12.50 -1.65
C ALA A 26 -7.62 -12.65 -2.03
N LEU A 27 -7.92 -13.48 -3.04
CA LEU A 27 -9.30 -13.68 -3.44
C LEU A 27 -10.11 -14.31 -2.32
N ALA A 28 -9.55 -15.32 -1.64
CA ALA A 28 -10.28 -15.92 -0.52
C ALA A 28 -10.53 -14.91 0.59
N SER A 29 -9.52 -14.11 0.91
CA SER A 29 -9.68 -13.11 1.96
C SER A 29 -10.75 -12.08 1.60
N TRP A 30 -10.78 -11.65 0.33
CA TRP A 30 -11.81 -10.72 -0.10
C TRP A 30 -13.18 -11.34 -0.01
N ASN A 31 -13.32 -12.61 -0.42
CA ASN A 31 -14.63 -13.25 -0.38
C ASN A 31 -15.13 -13.40 1.05
N TYR A 32 -14.23 -13.59 2.01
CA TYR A 32 -14.68 -13.67 3.40
C TYR A 32 -15.24 -12.34 3.88
N ASN A 33 -14.55 -11.24 3.59
CA ASN A 33 -14.84 -9.93 4.17
C ASN A 33 -16.06 -9.25 3.57
N THR A 34 -16.86 -9.97 2.79
CA THR A 34 -18.05 -9.38 2.18
C THR A 34 -19.24 -10.32 2.40
N ASN A 35 -18.94 -11.57 2.72
CA ASN A 35 -19.93 -12.64 2.86
C ASN A 35 -19.64 -13.46 4.11
N ILE A 36 -19.51 -12.79 5.26
CA ILE A 36 -19.06 -13.43 6.49
C ILE A 36 -19.88 -14.67 6.79
N THR A 37 -19.23 -15.83 6.74
CA THR A 37 -19.85 -17.11 7.06
C THR A 37 -18.72 -18.09 7.36
N GLU A 38 -19.06 -19.21 8.01
CA GLU A 38 -18.04 -20.13 8.51
C GLU A 38 -17.21 -20.75 7.38
N GLU A 39 -17.87 -21.19 6.30
CA GLU A 39 -17.13 -21.88 5.24
C GLU A 39 -16.19 -20.91 4.52
N ASN A 40 -16.57 -19.64 4.42
CA ASN A 40 -15.65 -18.65 3.87
C ASN A 40 -14.41 -18.51 4.73
N ALA A 41 -14.58 -18.53 6.06
CA ALA A 41 -13.43 -18.48 6.94
C ALA A 41 -12.53 -19.71 6.78
N GLN A 42 -13.15 -20.89 6.64
CA GLN A 42 -12.37 -22.11 6.45
C GLN A 42 -11.57 -22.05 5.14
N LYS A 43 -12.20 -21.58 4.07
CA LYS A 43 -11.50 -21.43 2.80
C LYS A 43 -10.36 -20.44 2.91
N MET A 44 -10.59 -19.32 3.61
CA MET A 44 -9.54 -18.32 3.79
C MET A 44 -8.35 -18.91 4.53
N ASN A 45 -8.62 -19.69 5.59
CA ASN A 45 -7.53 -20.29 6.34
C ASN A 45 -6.74 -21.29 5.49
N GLU A 46 -7.43 -22.14 4.73
CA GLU A 46 -6.72 -23.08 3.88
C GLU A 46 -5.90 -22.36 2.81
N ALA A 47 -6.41 -21.26 2.27
CA ALA A 47 -5.66 -20.51 1.28
C ALA A 47 -4.43 -19.83 1.88
N ALA A 48 -4.54 -19.32 3.10
CA ALA A 48 -3.40 -18.63 3.72
C ALA A 48 -2.31 -19.61 4.15
N ALA A 49 -2.70 -20.78 4.64
CA ALA A 49 -1.72 -21.74 5.14
C ALA A 49 -0.77 -22.20 4.05
N LYS A 50 -1.30 -22.49 2.86
CA LYS A 50 -0.46 -22.97 1.77
C LYS A 50 0.55 -21.90 1.34
N TRP A 51 0.11 -20.65 1.25
CA TRP A 51 1.01 -19.57 0.88
C TRP A 51 2.09 -19.37 1.93
N SER A 52 1.74 -19.45 3.21
CA SER A 52 2.74 -19.30 4.26
C SER A 52 3.78 -20.42 4.19
N ALA A 53 3.33 -21.67 4.02
CA ALA A 53 4.26 -22.78 3.93
C ALA A 53 5.19 -22.64 2.74
N PHE A 54 4.64 -22.25 1.58
CA PHE A 54 5.46 -22.07 0.39
C PHE A 54 6.50 -20.97 0.61
N TYR A 55 6.10 -19.86 1.22
CA TYR A 55 7.04 -18.77 1.46
C TYR A 55 8.17 -19.20 2.38
N GLU A 56 7.84 -19.94 3.46
CA GLU A 56 8.87 -20.38 4.37
C GLU A 56 9.86 -21.33 3.69
N GLU A 57 9.33 -22.28 2.92
CA GLU A 57 10.21 -23.22 2.21
C GLU A 57 11.10 -22.49 1.21
N GLN A 58 10.54 -21.53 0.48
CA GLN A 58 11.32 -20.80 -0.50
C GLN A 58 12.41 -19.96 0.14
N SER A 59 12.12 -19.31 1.27
CA SER A 59 13.15 -18.54 1.94
C SER A 59 14.27 -19.43 2.47
N LYS A 60 13.90 -20.57 3.06
CA LYS A 60 14.91 -21.50 3.55
C LYS A 60 15.79 -22.00 2.40
N LEU A 61 15.19 -22.24 1.23
CA LEU A 61 15.97 -22.67 0.08
C LEU A 61 16.85 -21.56 -0.46
N ALA A 62 16.34 -20.33 -0.49
CA ALA A 62 17.08 -19.18 -0.99
C ALA A 62 18.22 -18.79 -0.07
N LYS A 63 18.25 -19.31 1.15
CA LYS A 63 19.39 -19.05 2.03
C LYS A 63 20.71 -19.51 1.43
N ASN A 64 20.71 -20.44 0.47
CA ASN A 64 21.90 -21.02 -0.14
C ASN A 64 22.66 -20.08 -1.07
N TYR A 65 22.30 -18.81 -1.18
CA TYR A 65 22.98 -17.91 -2.09
C TYR A 65 23.62 -16.78 -1.28
N SER A 66 24.82 -16.39 -1.69
CA SER A 66 25.61 -15.39 -0.97
C SER A 66 25.38 -14.01 -1.58
N LEU A 67 25.06 -13.04 -0.73
CA LEU A 67 24.82 -11.68 -1.19
C LEU A 67 26.10 -10.97 -1.60
N GLN A 68 27.26 -11.45 -1.14
CA GLN A 68 28.52 -10.80 -1.50
C GLN A 68 28.89 -11.05 -2.95
N GLU A 69 28.44 -12.16 -3.52
CA GLU A 69 28.80 -12.55 -4.88
C GLU A 69 27.83 -12.02 -5.92
N VAL A 70 26.84 -11.24 -5.53
CA VAL A 70 25.86 -10.66 -6.45
C VAL A 70 26.20 -9.18 -6.64
N GLN A 71 26.40 -8.78 -7.89
CA GLN A 71 26.79 -7.41 -8.20
C GLN A 71 25.63 -6.54 -8.67
N ASN A 72 24.65 -7.12 -9.37
CA ASN A 72 23.48 -6.36 -9.79
C ASN A 72 22.61 -6.05 -8.58
N LEU A 73 22.32 -4.76 -8.37
CA LEU A 73 21.58 -4.37 -7.18
C LEU A 73 20.11 -4.74 -7.26
N THR A 74 19.55 -4.80 -8.47
CA THR A 74 18.13 -5.11 -8.61
C THR A 74 17.80 -6.51 -8.10
N ILE A 75 18.63 -7.50 -8.45
CA ILE A 75 18.38 -8.85 -7.95
C ILE A 75 18.89 -9.00 -6.52
N LYS A 76 19.88 -8.20 -6.14
CA LYS A 76 20.38 -8.25 -4.77
C LYS A 76 19.31 -7.82 -3.77
N ARG A 77 18.53 -6.79 -4.12
CA ARG A 77 17.43 -6.36 -3.26
C ARG A 77 16.38 -7.45 -3.13
N GLN A 78 16.06 -8.14 -4.23
CA GLN A 78 15.12 -9.25 -4.18
C GLN A 78 15.63 -10.37 -3.28
N LEU A 79 16.91 -10.70 -3.40
CA LEU A 79 17.49 -11.73 -2.55
C LEU A 79 17.44 -11.32 -1.08
N GLN A 80 17.76 -10.07 -0.77
CA GLN A 80 17.71 -9.62 0.62
C GLN A 80 16.29 -9.67 1.17
N ALA A 81 15.31 -9.30 0.35
CA ALA A 81 13.93 -9.37 0.78
C ALA A 81 13.50 -10.81 1.03
N LEU A 82 13.93 -11.74 0.17
CA LEU A 82 13.50 -13.13 0.31
C LEU A 82 14.17 -13.80 1.52
N GLN A 83 15.48 -13.61 1.68
CA GLN A 83 16.18 -14.29 2.78
C GLN A 83 15.84 -13.68 4.14
N GLN A 84 15.36 -12.44 4.16
CA GLN A 84 15.03 -11.82 5.44
C GLN A 84 13.74 -12.42 5.97
N SER A 85 13.85 -13.58 6.63
CA SER A 85 12.71 -14.27 7.21
C SER A 85 13.06 -14.78 8.60
N GLY A 86 13.69 -13.91 9.40
CA GLY A 86 14.15 -14.31 10.71
C GLY A 86 13.10 -14.23 11.80
N SER A 87 11.85 -14.54 11.46
CA SER A 87 10.81 -14.68 12.47
C SER A 87 10.64 -16.11 12.93
N SER A 88 11.14 -17.08 12.15
CA SER A 88 11.09 -18.49 12.50
C SER A 88 12.48 -19.05 12.79
N ALA A 89 13.46 -18.19 13.08
CA ALA A 89 14.80 -18.66 13.41
C ALA A 89 14.89 -18.98 14.90
N LEU A 90 13.97 -19.78 15.40
CA LEU A 90 13.92 -20.16 16.80
C LEU A 90 13.48 -21.62 16.90
N SER A 91 13.72 -22.19 18.08
CA SER A 91 13.25 -23.57 18.31
C SER A 91 11.74 -23.57 18.28
N ALA A 92 11.12 -24.75 18.22
CA ALA A 92 9.67 -24.86 18.14
C ALA A 92 9.01 -24.46 19.45
N ASP A 93 9.57 -24.88 20.59
CA ASP A 93 8.97 -24.56 21.87
C ASP A 93 9.01 -23.06 22.13
N LYS A 94 10.12 -22.41 21.80
CA LYS A 94 10.20 -20.96 21.97
C LYS A 94 9.18 -20.25 21.08
N ASN A 95 9.02 -20.72 19.85
CA ASN A 95 8.04 -20.11 18.95
C ASN A 95 6.62 -20.26 19.48
N LYS A 96 6.27 -21.44 20.00
CA LYS A 96 4.92 -21.62 20.52
C LYS A 96 4.71 -20.83 21.80
N GLN A 97 5.76 -20.67 22.61
CA GLN A 97 5.67 -19.81 23.79
C GLN A 97 5.41 -18.36 23.41
N LEU A 98 6.13 -17.88 22.38
CA LEU A 98 5.90 -16.53 21.89
C LEU A 98 4.47 -16.37 21.39
N ASN A 99 3.99 -17.35 20.62
CA ASN A 99 2.64 -17.25 20.07
C ASN A 99 1.59 -17.23 21.17
N THR A 100 1.75 -18.07 22.19
CA THR A 100 0.75 -18.08 23.25
C THR A 100 0.82 -16.81 24.10
N ILE A 101 2.01 -16.23 24.28
CA ILE A 101 2.10 -14.95 24.99
C ILE A 101 1.37 -13.87 24.22
N LEU A 102 1.59 -13.79 22.91
CA LEU A 102 0.89 -12.80 22.10
C LEU A 102 -0.61 -13.00 22.15
N ASN A 103 -1.07 -14.25 22.02
CA ASN A 103 -2.51 -14.51 22.01
C ASN A 103 -3.15 -14.12 23.34
N THR A 104 -2.54 -14.53 24.46
CA THR A 104 -3.14 -14.20 25.75
C THR A 104 -3.11 -12.71 26.03
N MET A 105 -2.03 -12.02 25.61
CA MET A 105 -1.96 -10.58 25.84
C MET A 105 -3.02 -9.83 25.04
N SER A 106 -3.21 -10.22 23.77
CA SER A 106 -4.28 -9.63 22.98
C SER A 106 -5.65 -9.93 23.57
N THR A 107 -5.84 -11.15 24.08
CA THR A 107 -7.12 -11.52 24.68
C THR A 107 -7.42 -10.66 25.91
N ILE A 108 -6.43 -10.44 26.78
CA ILE A 108 -6.65 -9.58 27.94
C ILE A 108 -6.95 -8.15 27.49
N TYR A 109 -6.27 -7.67 26.44
CA TYR A 109 -6.57 -6.33 25.97
C TYR A 109 -8.00 -6.21 25.49
N SER A 110 -8.48 -7.22 24.75
CA SER A 110 -9.82 -7.14 24.16
C SER A 110 -10.93 -7.38 25.18
N THR A 111 -10.71 -8.23 26.17
CA THR A 111 -11.76 -8.65 27.09
C THR A 111 -11.89 -7.74 28.32
N GLY A 112 -10.87 -6.93 28.60
CA GLY A 112 -10.83 -6.23 29.88
C GLY A 112 -12.02 -5.30 30.08
N LYS A 113 -12.44 -5.17 31.33
CA LYS A 113 -13.59 -4.36 31.71
C LYS A 113 -13.28 -3.57 32.96
N VAL A 114 -13.99 -2.46 33.15
CA VAL A 114 -13.87 -1.63 34.34
C VAL A 114 -15.27 -1.39 34.88
N CYS A 115 -15.37 -1.13 36.18
CA CYS A 115 -16.66 -1.00 36.85
C CYS A 115 -16.74 0.31 37.61
N ASN A 116 -17.95 0.85 37.68
CA ASN A 116 -18.19 2.13 38.35
C ASN A 116 -18.01 1.99 39.85
N PRO A 117 -17.22 2.85 40.49
CA PRO A 117 -17.07 2.77 41.96
C PRO A 117 -18.35 3.04 42.72
N LYS A 118 -19.32 3.76 42.15
CA LYS A 118 -20.58 4.04 42.82
C LYS A 118 -21.74 3.21 42.30
N ASN A 119 -21.59 2.53 41.17
CA ASN A 119 -22.62 1.66 40.60
C ASN A 119 -21.97 0.31 40.31
N PRO A 120 -21.83 -0.54 41.32
CA PRO A 120 -21.09 -1.80 41.13
C PRO A 120 -21.67 -2.73 40.07
N GLN A 121 -22.96 -2.65 39.80
CA GLN A 121 -23.57 -3.52 38.80
C GLN A 121 -23.41 -3.00 37.38
N GLU A 122 -22.79 -1.84 37.20
CA GLU A 122 -22.52 -1.26 35.89
C GLU A 122 -21.03 -1.36 35.59
N CYS A 123 -20.69 -2.11 34.54
CA CYS A 123 -19.31 -2.25 34.08
C CYS A 123 -19.26 -2.06 32.57
N LEU A 124 -18.22 -1.40 32.09
CA LEU A 124 -18.14 -0.95 30.71
C LEU A 124 -16.92 -1.52 30.00
N LEU A 125 -17.03 -1.62 28.68
CA LEU A 125 -15.94 -2.03 27.81
C LEU A 125 -15.15 -0.81 27.37
N LEU A 126 -14.27 -1.00 26.39
CA LEU A 126 -13.47 0.10 25.86
C LEU A 126 -14.11 0.75 24.64
N GLU A 127 -14.48 -0.06 23.63
CA GLU A 127 -15.00 0.51 22.40
C GLU A 127 -16.43 1.02 22.56
N PRO A 128 -17.41 0.22 23.01
CA PRO A 128 -18.73 0.81 23.30
C PRO A 128 -18.83 1.22 24.77
N GLY A 129 -18.15 2.31 25.12
CA GLY A 129 -17.97 2.61 26.53
C GLY A 129 -17.01 3.74 26.81
N LEU A 130 -16.00 3.46 27.65
CA LEU A 130 -15.02 4.42 28.15
C LEU A 130 -14.54 5.43 27.11
N ASP A 131 -14.43 5.00 25.86
CA ASP A 131 -14.03 5.93 24.81
C ASP A 131 -15.01 7.09 24.69
N ASP A 132 -16.32 6.79 24.79
CA ASP A 132 -17.33 7.85 24.74
C ASP A 132 -17.19 8.79 25.94
N ILE A 133 -16.93 8.23 27.12
CA ILE A 133 -16.74 9.06 28.31
C ILE A 133 -15.54 9.98 28.16
N MET A 134 -14.41 9.47 27.68
CA MET A 134 -13.23 10.31 27.53
C MET A 134 -13.33 11.26 26.34
N ALA A 135 -14.21 10.99 25.38
CA ALA A 135 -14.36 11.87 24.24
C ALA A 135 -15.43 12.94 24.47
N THR A 136 -16.34 12.74 25.41
CA THR A 136 -17.47 13.64 25.58
C THR A 136 -17.55 14.28 26.95
N SER A 137 -17.28 13.53 28.02
CA SER A 137 -17.58 13.99 29.37
C SER A 137 -16.73 15.21 29.74
N THR A 138 -17.12 15.85 30.83
CA THR A 138 -16.47 17.06 31.31
C THR A 138 -16.13 16.94 32.79
N ASP A 139 -16.83 16.05 33.49
CA ASP A 139 -16.59 15.88 34.92
C ASP A 139 -15.18 15.38 35.18
N TYR A 140 -14.52 16.00 36.17
CA TYR A 140 -13.15 15.63 36.51
C TYR A 140 -13.08 14.23 37.12
N ASN A 141 -13.96 13.96 38.09
CA ASN A 141 -13.91 12.70 38.81
C ASN A 141 -14.26 11.51 37.92
N GLU A 142 -15.21 11.70 36.99
CA GLU A 142 -15.60 10.61 36.10
C GLU A 142 -14.42 10.17 35.24
N ARG A 143 -13.78 11.12 34.57
CA ARG A 143 -12.61 10.81 33.77
C ARG A 143 -11.50 10.23 34.64
N LEU A 144 -11.34 10.75 35.85
CA LEU A 144 -10.30 10.24 36.74
C LEU A 144 -10.50 8.76 37.04
N TRP A 145 -11.72 8.38 37.42
CA TRP A 145 -11.93 6.97 37.78
C TRP A 145 -11.87 6.08 36.54
N ALA A 146 -12.32 6.56 35.39
CA ALA A 146 -12.20 5.76 34.17
C ALA A 146 -10.72 5.50 33.83
N TRP A 147 -9.91 6.56 33.87
CA TRP A 147 -8.48 6.45 33.58
C TRP A 147 -7.80 5.48 34.55
N GLU A 148 -7.99 5.72 35.85
CA GLU A 148 -7.32 4.89 36.86
C GLU A 148 -7.79 3.44 36.78
N GLY A 149 -9.08 3.22 36.55
CA GLY A 149 -9.59 1.87 36.39
C GLY A 149 -8.89 1.17 35.26
N TRP A 150 -9.02 1.69 34.05
CA TRP A 150 -8.42 1.02 32.89
C TRP A 150 -6.94 0.73 33.13
N ARG A 151 -6.21 1.68 33.71
CA ARG A 151 -4.80 1.41 34.01
C ARG A 151 -4.66 0.23 34.96
N ALA A 152 -5.47 0.20 36.03
CA ALA A 152 -5.33 -0.84 37.04
C ALA A 152 -5.69 -2.22 36.48
N GLU A 153 -6.77 -2.34 35.73
CA GLU A 153 -7.18 -3.64 35.20
C GLU A 153 -6.68 -3.89 33.78
N VAL A 154 -5.65 -3.18 33.33
CA VAL A 154 -4.88 -3.59 32.17
C VAL A 154 -3.41 -3.83 32.51
N GLY A 155 -2.74 -2.84 33.10
CA GLY A 155 -1.31 -2.96 33.34
C GLY A 155 -0.98 -4.04 34.36
N LYS A 156 -1.78 -4.15 35.42
CA LYS A 156 -1.53 -5.16 36.44
C LYS A 156 -1.49 -6.56 35.84
N GLN A 157 -2.27 -6.80 34.80
CA GLN A 157 -2.30 -8.11 34.16
C GLN A 157 -1.29 -8.24 33.02
N LEU A 158 -0.94 -7.15 32.35
CA LEU A 158 -0.03 -7.23 31.21
C LEU A 158 1.43 -6.97 31.56
N ARG A 159 1.75 -6.69 32.84
CA ARG A 159 3.15 -6.41 33.18
C ARG A 159 4.05 -7.64 33.03
N PRO A 160 3.81 -8.75 33.74
CA PRO A 160 4.76 -9.88 33.62
C PRO A 160 4.80 -10.49 32.24
N LEU A 161 3.69 -10.48 31.52
CA LEU A 161 3.69 -10.99 30.15
C LEU A 161 4.64 -10.17 29.28
N TYR A 162 4.59 -8.84 29.40
CA TYR A 162 5.52 -7.99 28.65
C TYR A 162 6.97 -8.23 29.09
N GLU A 163 7.19 -8.41 30.39
CA GLU A 163 8.54 -8.66 30.87
C GLU A 163 9.12 -9.93 30.25
N GLU A 164 8.34 -11.00 30.21
CA GLU A 164 8.80 -12.25 29.61
C GLU A 164 8.82 -12.18 28.09
N TYR A 165 8.06 -11.27 27.49
CA TYR A 165 8.01 -11.14 26.04
C TYR A 165 9.23 -10.42 25.49
N VAL A 166 9.73 -9.43 26.23
CA VAL A 166 10.87 -8.64 25.74
C VAL A 166 12.08 -9.52 25.50
N VAL A 167 12.38 -10.42 26.44
CA VAL A 167 13.59 -11.24 26.32
C VAL A 167 13.46 -12.21 25.15
N LEU A 168 12.26 -12.77 24.93
CA LEU A 168 12.07 -13.66 23.79
C LEU A 168 12.23 -12.92 22.48
N LYS A 169 11.71 -11.69 22.39
CA LYS A 169 11.90 -10.91 21.17
C LYS A 169 13.37 -10.57 20.94
N ASN A 170 14.09 -10.27 22.02
CA ASN A 170 15.52 -10.01 21.88
C ASN A 170 16.28 -11.26 21.41
N GLU A 171 15.92 -12.43 21.93
CA GLU A 171 16.55 -13.66 21.47
C GLU A 171 16.24 -13.91 20.00
N MET A 172 15.01 -13.65 19.58
CA MET A 172 14.66 -13.77 18.17
C MET A 172 15.47 -12.81 17.32
N ALA A 173 15.67 -11.58 17.80
CA ALA A 173 16.41 -10.59 17.04
C ALA A 173 17.90 -10.93 16.95
N ARG A 174 18.46 -11.49 18.02
CA ARG A 174 19.88 -11.87 17.98
C ARG A 174 20.05 -13.22 17.32
N ALA A 175 19.43 -13.39 16.17
CA ALA A 175 19.66 -14.53 15.30
C ALA A 175 19.68 -14.12 13.85
N ASN A 176 19.48 -12.83 13.56
CA ASN A 176 19.52 -12.28 12.21
C ASN A 176 20.57 -11.16 12.13
N ASN A 177 21.67 -11.32 12.87
CA ASN A 177 22.75 -10.33 12.92
C ASN A 177 22.23 -8.97 13.38
N TYR A 178 21.36 -8.97 14.37
CA TYR A 178 20.85 -7.76 15.01
C TYR A 178 21.13 -7.84 16.49
N GLU A 179 21.46 -6.70 17.11
CA GLU A 179 21.78 -6.74 18.52
C GLU A 179 20.57 -6.57 19.44
N ASP A 180 19.42 -6.18 18.91
CA ASP A 180 18.20 -6.11 19.70
C ASP A 180 17.00 -6.07 18.76
N TYR A 181 15.81 -6.04 19.35
CA TYR A 181 14.55 -5.92 18.61
C TYR A 181 14.18 -4.47 18.34
N GLY A 182 15.20 -3.62 18.29
CA GLY A 182 15.12 -2.22 17.93
C GLY A 182 15.46 -2.06 16.47
N ASP A 183 16.74 -1.87 16.17
CA ASP A 183 17.23 -1.75 14.80
C ASP A 183 16.62 -2.78 13.85
N TYR A 184 16.17 -3.92 14.36
CA TYR A 184 15.37 -4.83 13.54
C TYR A 184 14.18 -4.10 12.93
N TRP A 185 13.49 -3.28 13.74
CA TRP A 185 12.43 -2.44 13.21
C TRP A 185 12.98 -1.27 12.40
N ARG A 186 14.12 -0.71 12.80
CA ARG A 186 14.70 0.40 12.07
C ARG A 186 15.31 -0.02 10.73
N GLY A 187 15.36 -1.32 10.45
CA GLY A 187 15.94 -1.83 9.21
C GLY A 187 15.11 -1.57 7.98
N ASP A 188 13.82 -1.23 8.14
CA ASP A 188 13.04 -0.81 6.98
C ASP A 188 13.59 0.46 6.38
N TYR A 189 14.22 1.30 7.19
CA TYR A 189 14.85 2.54 6.73
C TYR A 189 16.30 2.33 6.34
N GLU A 190 16.55 1.33 5.49
CA GLU A 190 17.90 1.04 5.01
C GLU A 190 17.93 1.14 3.49
N ALA A 191 19.01 1.73 2.98
CA ALA A 191 19.17 1.95 1.56
C ALA A 191 20.59 1.61 1.16
N GLU A 192 20.76 1.22 -0.10
CA GLU A 192 22.07 0.91 -0.66
C GLU A 192 22.09 1.34 -2.12
N GLY A 193 23.23 1.90 -2.53
CA GLY A 193 23.38 2.35 -3.90
C GLY A 193 24.61 3.19 -4.12
N ALA A 194 24.49 4.23 -4.94
CA ALA A 194 25.64 5.08 -5.26
C ALA A 194 26.03 5.92 -4.05
N ASP A 195 27.11 6.69 -4.21
CA ASP A 195 27.60 7.51 -3.12
C ASP A 195 26.60 8.59 -2.76
N GLY A 196 26.38 8.79 -1.47
CA GLY A 196 25.43 9.77 -0.99
C GLY A 196 23.99 9.30 -0.92
N TYR A 197 23.71 8.05 -1.27
CA TYR A 197 22.36 7.53 -1.23
C TYR A 197 22.16 6.47 -0.16
N ASN A 198 23.22 6.07 0.54
CA ASN A 198 23.11 5.06 1.57
C ASN A 198 22.48 5.63 2.84
N TYR A 199 21.89 4.75 3.64
CA TYR A 199 21.19 5.15 4.86
C TYR A 199 21.00 3.92 5.72
N ASN A 200 21.52 3.94 6.94
CA ASN A 200 21.37 2.82 7.87
C ASN A 200 20.43 3.21 9.00
N GLY A 201 20.22 2.26 9.91
CA GLY A 201 19.27 2.44 11.00
C GLY A 201 19.75 3.29 12.16
N ASN A 202 21.04 3.60 12.21
CA ASN A 202 21.56 4.48 13.26
C ASN A 202 21.44 5.96 12.93
N GLN A 203 21.19 6.29 11.66
CA GLN A 203 20.95 7.69 11.30
C GLN A 203 19.53 8.14 11.59
N LEU A 204 18.61 7.19 11.79
CA LEU A 204 17.22 7.55 12.06
C LEU A 204 17.09 8.24 13.42
N ILE A 205 17.82 7.74 14.43
CA ILE A 205 17.72 8.29 15.77
C ILE A 205 18.21 9.72 15.84
N GLU A 206 19.09 10.14 14.93
CA GLU A 206 19.58 11.51 14.91
C GLU A 206 18.65 12.43 14.13
N ASP A 207 18.14 11.96 12.99
CA ASP A 207 17.21 12.76 12.20
C ASP A 207 15.94 13.02 12.98
N VAL A 208 15.44 12.02 13.71
CA VAL A 208 14.22 12.19 14.48
C VAL A 208 14.42 13.26 15.56
N GLU A 209 15.57 13.22 16.24
CA GLU A 209 15.84 14.21 17.28
C GLU A 209 15.97 15.61 16.70
N ARG A 210 16.65 15.76 15.56
CA ARG A 210 16.77 17.06 14.93
C ARG A 210 15.39 17.61 14.51
N THR A 211 14.57 16.74 13.92
CA THR A 211 13.22 17.14 13.54
C THR A 211 12.40 17.60 14.74
N PHE A 212 12.44 16.84 15.84
CA PHE A 212 11.65 17.23 17.00
C PHE A 212 12.16 18.53 17.60
N LYS A 213 13.47 18.71 17.65
CA LYS A 213 14.03 19.94 18.19
C LYS A 213 13.59 21.15 17.38
N GLU A 214 13.50 20.99 16.06
CA GLU A 214 12.95 22.08 15.24
C GLU A 214 11.46 22.27 15.47
N ILE A 215 10.73 21.17 15.72
CA ILE A 215 9.27 21.25 15.82
C ILE A 215 8.82 21.92 17.13
N LYS A 216 9.60 21.74 18.20
CA LYS A 216 9.12 22.03 19.56
C LYS A 216 8.45 23.39 19.76
N PRO A 217 9.01 24.53 19.32
CA PRO A 217 8.42 25.82 19.72
C PRO A 217 6.96 26.00 19.32
N LEU A 218 6.55 25.53 18.14
CA LEU A 218 5.15 25.61 17.74
C LEU A 218 4.28 24.78 18.68
N TYR A 219 4.76 23.60 19.07
CA TYR A 219 4.02 22.79 20.03
C TYR A 219 3.90 23.49 21.37
N GLU A 220 4.95 24.22 21.78
CA GLU A 220 4.88 24.96 23.03
C GLU A 220 3.83 26.06 22.96
N GLN A 221 3.77 26.78 21.84
CA GLN A 221 2.73 27.80 21.69
C GLN A 221 1.34 27.20 21.75
N LEU A 222 1.14 26.09 21.04
CA LEU A 222 -0.17 25.43 21.06
C LEU A 222 -0.51 24.92 22.45
N HIS A 223 0.47 24.36 23.15
CA HIS A 223 0.26 23.85 24.51
C HIS A 223 -0.11 24.97 25.47
N ALA A 224 0.56 26.11 25.36
CA ALA A 224 0.22 27.24 26.21
C ALA A 224 -1.19 27.75 25.94
N TYR A 225 -1.57 27.84 24.66
CA TYR A 225 -2.92 28.31 24.34
C TYR A 225 -3.97 27.34 24.86
N VAL A 226 -3.75 26.03 24.69
CA VAL A 226 -4.71 25.05 25.18
C VAL A 226 -4.82 25.11 26.70
N ARG A 227 -3.68 25.23 27.39
CA ARG A 227 -3.69 25.29 28.85
C ARG A 227 -4.44 26.51 29.35
N THR A 228 -4.18 27.68 28.75
CA THR A 228 -4.90 28.88 29.19
C THR A 228 -6.36 28.86 28.79
N LYS A 229 -6.73 28.08 27.77
CA LYS A 229 -8.13 27.97 27.40
C LYS A 229 -8.84 26.91 28.22
N LEU A 230 -8.13 25.88 28.66
CA LEU A 230 -8.72 24.79 29.44
C LEU A 230 -8.63 25.06 30.94
N MET A 231 -9.06 26.25 31.35
CA MET A 231 -9.15 26.62 32.75
C MET A 231 -10.51 27.17 33.14
N ASN A 232 -11.29 27.71 32.19
CA ASN A 232 -12.67 28.06 32.46
C ASN A 232 -13.53 26.84 32.70
N THR A 233 -13.07 25.65 32.32
CA THR A 233 -13.79 24.41 32.54
C THR A 233 -13.44 23.78 33.88
N TYR A 234 -12.17 23.85 34.29
CA TYR A 234 -11.70 23.29 35.56
C TYR A 234 -10.91 24.35 36.29
N PRO A 235 -11.59 25.36 36.85
CA PRO A 235 -10.83 26.46 37.49
C PRO A 235 -10.44 26.16 38.93
N SER A 236 -10.04 24.93 39.19
CA SER A 236 -9.42 24.59 40.46
C SER A 236 -8.33 23.53 40.33
N TYR A 237 -8.02 23.06 39.13
CA TYR A 237 -7.15 21.91 38.93
C TYR A 237 -6.00 22.14 37.98
N ILE A 238 -6.03 23.19 37.16
CA ILE A 238 -4.98 23.47 36.19
C ILE A 238 -4.10 24.57 36.75
N SER A 239 -2.79 24.33 36.80
CA SER A 239 -1.85 25.34 37.25
C SER A 239 -1.39 26.18 36.07
N PRO A 240 -1.30 27.51 36.22
CA PRO A 240 -0.88 28.35 35.10
C PRO A 240 0.50 28.02 34.56
N THR A 241 1.42 27.57 35.41
CA THR A 241 2.79 27.29 35.01
C THR A 241 3.04 25.81 34.76
N GLY A 242 2.37 24.92 35.47
CA GLY A 242 2.67 23.50 35.43
C GLY A 242 2.16 22.82 34.18
N CYS A 243 2.20 21.50 34.21
CA CYS A 243 1.83 20.67 33.07
C CYS A 243 0.31 20.48 33.03
N LEU A 244 -0.15 19.59 32.15
CA LEU A 244 -1.55 19.30 32.00
C LEU A 244 -1.84 17.89 32.46
N PRO A 245 -2.89 17.66 33.24
CA PRO A 245 -3.23 16.30 33.66
C PRO A 245 -3.58 15.41 32.47
N ALA A 246 -3.27 14.12 32.62
CA ALA A 246 -3.37 13.20 31.49
C ALA A 246 -4.81 12.87 31.14
N HIS A 247 -5.73 12.93 32.11
CA HIS A 247 -7.11 12.52 31.90
C HIS A 247 -8.00 13.65 31.43
N LEU A 248 -7.44 14.67 30.79
CA LEU A 248 -8.22 15.83 30.33
C LEU A 248 -7.87 16.21 28.90
N LEU A 249 -7.35 15.27 28.11
CA LEU A 249 -6.83 15.57 26.79
C LEU A 249 -7.77 15.16 25.66
N GLY A 250 -9.01 14.81 25.97
CA GLY A 250 -9.96 14.44 24.94
C GLY A 250 -9.79 13.05 24.38
N ASP A 251 -8.87 12.27 24.92
CA ASP A 251 -8.64 10.90 24.48
C ASP A 251 -8.12 10.11 25.67
N MET A 252 -8.24 8.79 25.58
CA MET A 252 -7.83 7.95 26.71
C MET A 252 -6.34 8.06 26.97
N TRP A 253 -5.54 8.08 25.90
CA TRP A 253 -4.09 8.11 26.03
C TRP A 253 -3.47 9.45 25.70
N GLY A 254 -4.26 10.42 25.24
CA GLY A 254 -3.70 11.67 24.76
C GLY A 254 -3.06 11.57 23.39
N ARG A 255 -3.40 10.54 22.62
CA ARG A 255 -2.82 10.37 21.30
C ARG A 255 -3.22 11.51 20.38
N PHE A 256 -4.47 11.93 20.43
CA PHE A 256 -4.98 13.02 19.62
C PHE A 256 -5.68 14.03 20.51
N TRP A 257 -5.62 15.30 20.11
CA TRP A 257 -6.27 16.39 20.82
C TRP A 257 -7.50 16.92 20.09
N THR A 258 -8.03 16.15 19.14
CA THR A 258 -9.08 16.65 18.25
C THR A 258 -10.43 16.79 18.94
N ASN A 259 -10.63 16.15 20.09
CA ASN A 259 -11.90 16.25 20.81
C ASN A 259 -11.96 17.45 21.73
N LEU A 260 -10.90 18.23 21.81
CA LEU A 260 -10.88 19.46 22.59
C LEU A 260 -11.34 20.67 21.80
N TYR A 261 -11.76 20.47 20.55
CA TYR A 261 -12.16 21.61 19.71
C TYR A 261 -13.32 22.40 20.28
N PRO A 262 -14.44 21.80 20.71
CA PRO A 262 -15.55 22.64 21.22
C PRO A 262 -15.16 23.50 22.41
N LEU A 263 -14.16 23.10 23.18
CA LEU A 263 -13.67 23.91 24.29
C LEU A 263 -12.57 24.88 23.87
N THR A 264 -12.10 24.82 22.63
CA THR A 264 -10.95 25.61 22.20
C THR A 264 -11.20 26.19 20.81
N VAL A 265 -12.40 26.70 20.58
CA VAL A 265 -12.71 27.35 19.31
C VAL A 265 -12.23 28.80 19.36
N PRO A 266 -11.44 29.26 18.40
CA PRO A 266 -11.08 30.69 18.39
C PRO A 266 -12.26 31.61 18.24
N PHE A 267 -13.13 31.33 17.27
CA PHE A 267 -14.32 32.15 16.99
C PHE A 267 -15.52 31.20 16.87
N GLY A 268 -16.31 31.12 17.94
CA GLY A 268 -17.42 30.19 17.98
C GLY A 268 -18.73 30.71 17.43
N GLN A 269 -18.75 31.91 16.83
CA GLN A 269 -19.96 32.50 16.31
C GLN A 269 -20.17 32.22 14.83
N LYS A 270 -19.26 31.46 14.19
CA LYS A 270 -19.44 31.14 12.79
C LYS A 270 -18.92 29.73 12.50
N PRO A 271 -19.70 28.91 11.81
CA PRO A 271 -19.34 27.50 11.63
C PRO A 271 -18.42 27.29 10.44
N ASN A 272 -17.92 26.05 10.34
CA ASN A 272 -17.03 25.67 9.26
C ASN A 272 -17.84 25.23 8.03
N ILE A 273 -17.14 25.07 6.92
CA ILE A 273 -17.79 24.68 5.67
C ILE A 273 -18.16 23.20 5.73
N ASP A 274 -19.43 22.91 5.47
CA ASP A 274 -19.94 21.54 5.47
C ASP A 274 -20.91 21.40 4.31
N VAL A 275 -20.42 20.82 3.21
CA VAL A 275 -21.27 20.56 2.03
C VAL A 275 -21.85 19.16 2.22
N THR A 276 -22.91 19.09 3.00
CA THR A 276 -23.71 17.88 3.15
C THR A 276 -25.17 18.08 2.78
N ASP A 277 -25.74 19.23 3.14
CA ASP A 277 -27.08 19.55 2.68
C ASP A 277 -27.11 19.82 1.18
N ALA A 278 -26.07 20.46 0.65
CA ALA A 278 -26.03 20.75 -0.78
C ALA A 278 -26.00 19.48 -1.60
N MET A 279 -25.23 18.48 -1.17
CA MET A 279 -25.15 17.22 -1.91
C MET A 279 -26.47 16.48 -1.88
N VAL A 280 -27.19 16.56 -0.76
CA VAL A 280 -28.51 15.92 -0.68
C VAL A 280 -29.52 16.63 -1.57
N ASN A 281 -29.55 17.96 -1.51
CA ASN A 281 -30.52 18.71 -2.33
C ASN A 281 -30.20 18.64 -3.82
N GLN A 282 -28.96 18.35 -4.18
CA GLN A 282 -28.58 18.25 -5.59
C GLN A 282 -28.71 16.85 -6.15
N GLY A 283 -29.08 15.87 -5.33
CA GLY A 283 -29.23 14.51 -5.80
C GLY A 283 -27.91 13.82 -6.09
N TRP A 284 -27.09 13.64 -5.06
CA TRP A 284 -25.81 12.96 -5.19
C TRP A 284 -25.90 11.57 -4.57
N ASN A 285 -25.35 10.58 -5.27
CA ASN A 285 -25.31 9.21 -4.80
C ASN A 285 -23.85 8.75 -4.64
N ALA A 286 -23.69 7.48 -4.29
CA ALA A 286 -22.34 6.96 -4.03
C ALA A 286 -21.49 6.94 -5.30
N GLU A 287 -22.10 6.60 -6.44
CA GLU A 287 -21.33 6.52 -7.68
C GLU A 287 -20.84 7.89 -8.14
N ARG A 288 -21.60 8.95 -7.85
CA ARG A 288 -21.18 10.28 -8.24
C ARG A 288 -19.91 10.71 -7.53
N ILE A 289 -19.76 10.33 -6.27
CA ILE A 289 -18.56 10.69 -5.51
C ILE A 289 -17.32 10.09 -6.16
N PHE A 290 -17.40 8.80 -6.53
CA PHE A 290 -16.26 8.14 -7.13
C PHE A 290 -16.01 8.64 -8.55
N LYS A 291 -17.06 9.00 -9.29
CA LYS A 291 -16.87 9.63 -10.59
C LYS A 291 -16.14 10.95 -10.47
N GLU A 292 -16.51 11.77 -9.47
CA GLU A 292 -15.81 13.03 -9.25
C GLU A 292 -14.36 12.82 -8.86
N ALA A 293 -14.10 11.81 -8.01
CA ALA A 293 -12.72 11.50 -7.64
C ALA A 293 -11.91 11.07 -8.86
N GLU A 294 -12.49 10.22 -9.71
CA GLU A 294 -11.80 9.80 -10.92
C GLU A 294 -11.51 10.98 -11.84
N LYS A 295 -12.47 11.89 -11.97
CA LYS A 295 -12.26 13.07 -12.80
C LYS A 295 -11.14 13.94 -12.24
N PHE A 296 -11.09 14.11 -10.93
CA PHE A 296 -10.01 14.87 -10.32
C PHE A 296 -8.66 14.21 -10.59
N PHE A 297 -8.60 12.88 -10.50
CA PHE A 297 -7.33 12.20 -10.72
C PHE A 297 -6.90 12.30 -12.18
N VAL A 298 -7.84 12.22 -13.12
CA VAL A 298 -7.48 12.27 -14.53
C VAL A 298 -7.20 13.71 -14.98
N SER A 299 -7.64 14.71 -14.20
CA SER A 299 -7.36 16.09 -14.57
C SER A 299 -5.87 16.42 -14.49
N VAL A 300 -5.11 15.67 -13.70
CA VAL A 300 -3.68 15.93 -13.52
C VAL A 300 -2.81 15.00 -14.37
N GLY A 301 -3.42 14.17 -15.22
CA GLY A 301 -2.68 13.31 -16.12
C GLY A 301 -2.62 11.85 -15.72
N LEU A 302 -3.10 11.51 -14.53
CA LEU A 302 -3.10 10.12 -14.10
C LEU A 302 -4.15 9.33 -14.89
N PRO A 303 -3.97 8.02 -15.02
CA PRO A 303 -4.86 7.23 -15.87
C PRO A 303 -6.27 7.12 -15.31
N TYR A 304 -7.13 6.48 -16.10
CA TYR A 304 -8.51 6.24 -15.73
C TYR A 304 -8.57 5.07 -14.75
N MET A 305 -9.78 4.58 -14.48
CA MET A 305 -9.97 3.40 -13.65
C MET A 305 -10.36 2.22 -14.53
N THR A 306 -9.93 1.04 -14.12
CA THR A 306 -10.12 -0.16 -14.93
C THR A 306 -11.60 -0.54 -14.98
N GLN A 307 -11.95 -1.30 -16.03
CA GLN A 307 -13.32 -1.75 -16.20
C GLN A 307 -13.75 -2.69 -15.08
N GLY A 308 -12.84 -3.54 -14.60
CA GLY A 308 -13.17 -4.43 -13.50
C GLY A 308 -13.36 -3.73 -12.17
N PHE A 309 -12.78 -2.54 -12.01
CA PHE A 309 -12.95 -1.80 -10.77
C PHE A 309 -14.41 -1.43 -10.53
N TRP A 310 -15.11 -1.05 -11.60
CA TRP A 310 -16.50 -0.63 -11.45
C TRP A 310 -17.47 -1.79 -11.27
N GLU A 311 -17.04 -3.02 -11.57
CA GLU A 311 -17.93 -4.17 -11.52
C GLU A 311 -17.64 -5.12 -10.37
N ASN A 312 -16.41 -5.17 -9.86
CA ASN A 312 -16.04 -6.09 -8.80
C ASN A 312 -15.98 -5.43 -7.42
N SER A 313 -16.22 -4.13 -7.32
CA SER A 313 -16.05 -3.39 -6.09
C SER A 313 -17.38 -3.19 -5.38
N MET A 314 -17.35 -3.24 -4.05
CA MET A 314 -18.53 -3.03 -3.21
C MET A 314 -18.44 -1.61 -2.67
N LEU A 315 -19.10 -0.67 -3.34
CA LEU A 315 -19.06 0.73 -2.97
C LEU A 315 -20.20 1.15 -2.05
N THR A 316 -21.18 0.28 -1.82
CA THR A 316 -22.28 0.57 -0.93
C THR A 316 -22.55 -0.65 -0.07
N ASP A 317 -23.15 -0.42 1.09
CA ASP A 317 -23.58 -1.52 1.94
C ASP A 317 -24.66 -2.32 1.23
N PRO A 318 -24.55 -3.65 1.18
CA PRO A 318 -25.57 -4.43 0.45
C PRO A 318 -26.97 -4.27 0.98
N GLY A 319 -27.13 -4.05 2.29
CA GLY A 319 -28.45 -3.82 2.85
C GLY A 319 -29.39 -4.99 2.75
N ASP A 320 -28.89 -6.20 2.99
CA ASP A 320 -29.71 -7.40 2.96
C ASP A 320 -29.12 -8.39 3.98
N ASP A 321 -29.51 -9.66 3.86
CA ASP A 321 -29.00 -10.70 4.75
C ASP A 321 -27.58 -11.11 4.32
N ARG A 322 -26.69 -10.11 4.35
CA ARG A 322 -25.29 -10.30 3.97
C ARG A 322 -24.47 -9.32 4.82
N LYS A 323 -23.93 -9.82 5.93
CA LYS A 323 -23.18 -8.97 6.84
C LYS A 323 -21.75 -8.79 6.34
N VAL A 324 -21.27 -7.56 6.41
CA VAL A 324 -19.96 -7.19 5.88
C VAL A 324 -19.20 -6.42 6.94
N VAL A 325 -17.87 -6.39 6.77
CA VAL A 325 -17.04 -5.52 7.61
C VAL A 325 -17.02 -4.13 7.00
N CYS A 326 -17.35 -3.12 7.81
CA CYS A 326 -17.51 -1.74 7.34
C CYS A 326 -16.29 -0.95 7.79
N HIS A 327 -15.28 -0.91 6.92
CA HIS A 327 -14.03 -0.21 7.16
C HIS A 327 -13.39 0.06 5.81
N PRO A 328 -13.09 1.31 5.48
CA PRO A 328 -12.59 1.63 4.13
C PRO A 328 -11.21 1.03 3.89
N THR A 329 -11.14 0.23 2.83
CA THR A 329 -9.87 -0.39 2.44
C THR A 329 -9.71 -0.46 0.93
N ALA A 330 -8.51 -0.22 0.41
CA ALA A 330 -8.21 -0.40 -1.02
C ALA A 330 -7.48 -1.72 -1.11
N TRP A 331 -7.75 -2.53 -2.14
CA TRP A 331 -7.16 -3.89 -2.18
C TRP A 331 -6.38 -4.15 -3.46
N ASP A 332 -5.32 -4.94 -3.37
CA ASP A 332 -4.54 -5.36 -4.53
C ASP A 332 -4.57 -6.89 -4.56
N LEU A 333 -5.58 -7.44 -5.24
CA LEU A 333 -5.67 -8.89 -5.34
C LEU A 333 -4.52 -9.46 -6.18
N GLY A 334 -3.96 -8.65 -7.07
CA GLY A 334 -2.88 -9.08 -7.92
C GLY A 334 -3.36 -9.37 -9.34
N LYS A 335 -2.41 -9.39 -10.27
CA LYS A 335 -2.67 -9.66 -11.68
C LYS A 335 -3.69 -8.67 -12.25
N GLY A 336 -3.47 -7.39 -12.00
CA GLY A 336 -4.31 -6.35 -12.56
C GLY A 336 -5.73 -6.33 -12.04
N ASP A 337 -5.93 -6.61 -10.75
CA ASP A 337 -7.26 -6.60 -10.14
C ASP A 337 -7.23 -5.64 -8.95
N PHE A 338 -7.95 -4.53 -9.08
CA PHE A 338 -8.02 -3.51 -8.05
C PHE A 338 -9.46 -3.26 -7.65
N ARG A 339 -9.72 -3.25 -6.34
CA ARG A 339 -11.06 -3.08 -5.80
C ARG A 339 -11.00 -2.18 -4.58
N ILE A 340 -12.14 -1.60 -4.22
CA ILE A 340 -12.29 -0.78 -3.02
C ILE A 340 -13.53 -1.25 -2.27
N LYS A 341 -13.38 -1.48 -0.97
CA LYS A 341 -14.48 -1.82 -0.07
C LYS A 341 -14.73 -0.64 0.85
N MET A 342 -15.94 -0.08 0.81
CA MET A 342 -16.25 1.06 1.66
C MET A 342 -17.76 1.21 1.76
N CYS A 343 -18.24 1.50 2.97
CA CYS A 343 -19.62 1.94 3.15
C CYS A 343 -19.70 3.42 2.84
N THR A 344 -20.49 3.78 1.84
CA THR A 344 -20.54 5.15 1.34
C THR A 344 -21.86 5.80 1.74
N LYS A 345 -21.78 6.98 2.33
CA LYS A 345 -22.93 7.81 2.64
C LYS A 345 -22.69 9.19 2.08
N VAL A 346 -23.76 9.98 1.98
CA VAL A 346 -23.68 11.31 1.39
C VAL A 346 -23.22 12.30 2.45
N THR A 347 -21.92 12.35 2.69
CA THR A 347 -21.34 13.26 3.72
C THR A 347 -19.96 13.72 3.25
N MET A 348 -19.41 14.80 3.81
CA MET A 348 -18.09 15.30 3.44
C MET A 348 -16.99 14.29 3.76
N ASP A 349 -17.10 13.61 4.91
CA ASP A 349 -16.02 12.72 5.33
C ASP A 349 -15.88 11.55 4.35
N ASN A 350 -16.99 11.01 3.87
CA ASN A 350 -16.93 9.98 2.84
C ASN A 350 -16.34 10.54 1.56
N PHE A 351 -16.69 11.78 1.23
CA PHE A 351 -16.16 12.43 0.03
C PHE A 351 -14.64 12.57 0.09
N LEU A 352 -14.08 12.69 1.29
CA LEU A 352 -12.62 12.75 1.42
C LEU A 352 -11.97 11.36 1.51
N THR A 353 -12.62 10.42 2.20
CA THR A 353 -12.07 9.06 2.26
C THR A 353 -12.05 8.41 0.88
N ALA A 354 -12.98 8.80 0.00
CA ALA A 354 -12.93 8.31 -1.37
C ALA A 354 -11.64 8.73 -2.06
N HIS A 355 -11.28 10.01 -1.94
CA HIS A 355 -10.08 10.58 -2.61
C HIS A 355 -8.80 10.07 -1.93
N HIS A 356 -8.89 9.51 -0.72
CA HIS A 356 -7.72 8.95 -0.01
C HIS A 356 -7.56 7.47 -0.38
N GLU A 357 -8.65 6.77 -0.66
CA GLU A 357 -8.55 5.32 -0.90
C GLU A 357 -8.39 5.04 -2.39
N MET A 358 -8.19 6.07 -3.20
CA MET A 358 -7.93 5.89 -4.63
C MET A 358 -6.50 6.32 -4.92
N GLY A 359 -5.92 7.11 -4.05
CA GLY A 359 -4.50 7.48 -4.18
C GLY A 359 -3.65 6.31 -3.77
N HIS A 360 -4.28 5.28 -3.23
CA HIS A 360 -3.58 4.03 -2.87
C HIS A 360 -3.66 3.12 -4.09
N ILE A 361 -4.77 3.16 -4.81
CA ILE A 361 -4.96 2.31 -6.01
C ILE A 361 -4.12 2.90 -7.14
N GLN A 362 -3.94 4.22 -7.16
CA GLN A 362 -3.19 4.82 -8.28
C GLN A 362 -1.71 4.51 -8.08
N TYR A 363 -1.25 4.38 -6.84
CA TYR A 363 0.15 3.99 -6.56
C TYR A 363 0.30 2.52 -6.90
N ASP A 364 -0.60 1.68 -6.39
CA ASP A 364 -0.58 0.22 -6.68
C ASP A 364 -0.58 0.03 -8.18
N MET A 365 -1.51 0.68 -8.88
CA MET A 365 -1.56 0.57 -10.36
C MET A 365 -0.28 1.13 -10.92
N ALA A 366 0.37 2.03 -10.18
CA ALA A 366 1.51 2.57 -10.92
C ALA A 366 2.64 1.54 -11.08
N TYR A 367 2.97 0.81 -10.02
CA TYR A 367 4.12 -0.09 -10.05
C TYR A 367 3.73 -1.53 -10.30
N ALA A 368 2.69 -1.78 -11.09
CA ALA A 368 2.27 -3.15 -11.36
C ALA A 368 3.22 -3.88 -12.28
N THR A 369 4.13 -3.19 -12.95
CA THR A 369 5.04 -3.81 -13.90
C THR A 369 6.35 -4.29 -13.26
N GLN A 370 6.58 -3.99 -12.00
CA GLN A 370 7.79 -4.42 -11.31
C GLN A 370 7.70 -5.89 -10.91
N PRO A 371 8.84 -6.52 -10.64
CA PRO A 371 8.81 -7.90 -10.14
C PRO A 371 8.03 -8.02 -8.84
N PHE A 372 7.77 -9.26 -8.45
CA PHE A 372 6.88 -9.53 -7.32
C PHE A 372 7.44 -8.96 -6.02
N LEU A 373 8.70 -9.27 -5.70
CA LEU A 373 9.29 -8.75 -4.46
C LEU A 373 9.90 -7.38 -4.67
N LEU A 374 9.18 -6.50 -5.36
CA LEU A 374 9.51 -5.09 -5.44
C LEU A 374 8.25 -4.23 -5.50
N ARG A 375 7.07 -4.84 -5.40
CA ARG A 375 5.80 -4.13 -5.59
C ARG A 375 5.28 -3.74 -4.21
N ASN A 376 5.83 -2.64 -3.70
CA ASN A 376 5.43 -2.09 -2.41
C ASN A 376 5.74 -0.61 -2.43
N GLY A 377 5.70 0.02 -1.25
CA GLY A 377 6.08 1.42 -1.14
C GLY A 377 7.58 1.59 -1.18
N ALA A 378 8.08 2.61 -0.51
CA ALA A 378 9.52 2.84 -0.42
C ALA A 378 10.04 2.82 1.01
N ASN A 379 9.32 3.43 1.95
CA ASN A 379 9.82 3.59 3.31
C ASN A 379 8.73 3.38 4.35
N GLU A 380 7.81 2.45 4.13
CA GLU A 380 6.79 2.13 5.17
C GLU A 380 5.89 3.32 5.47
N GLY A 381 6.39 4.54 5.34
CA GLY A 381 5.55 5.73 5.52
C GLY A 381 5.49 6.56 4.26
N PHE A 382 5.24 5.94 3.11
CA PHE A 382 5.18 6.65 1.82
C PHE A 382 3.79 6.44 1.22
N HIS A 383 3.14 5.32 1.57
CA HIS A 383 1.82 4.98 0.99
C HIS A 383 0.71 5.78 1.66
N GLU A 384 0.91 6.28 2.88
CA GLU A 384 -0.17 6.99 3.59
C GLU A 384 0.05 8.49 3.42
N ALA A 385 1.16 8.90 2.86
CA ALA A 385 1.41 10.32 2.56
C ALA A 385 0.81 10.65 1.20
N VAL A 386 0.88 9.75 0.24
CA VAL A 386 0.27 9.94 -1.11
C VAL A 386 -1.25 9.87 -1.01
N GLY A 387 -1.78 9.32 0.08
CA GLY A 387 -3.24 9.28 0.25
C GLY A 387 -3.77 10.49 0.99
N GLU A 388 -2.92 11.20 1.70
CA GLU A 388 -3.38 12.34 2.52
C GLU A 388 -3.07 13.66 1.82
N ILE A 389 -2.41 13.62 0.67
CA ILE A 389 -2.18 14.88 -0.09
C ILE A 389 -3.39 15.13 -0.99
N MET A 390 -4.08 14.08 -1.44
CA MET A 390 -5.28 14.19 -2.25
C MET A 390 -6.46 14.73 -1.44
N SER A 391 -6.61 14.25 -0.20
CA SER A 391 -7.66 14.77 0.67
C SER A 391 -7.41 16.24 0.99
N LEU A 392 -6.14 16.62 1.18
CA LEU A 392 -5.83 18.03 1.40
C LEU A 392 -6.23 18.88 0.21
N SER A 393 -5.94 18.41 -1.01
CA SER A 393 -6.25 19.19 -2.20
C SER A 393 -7.75 19.30 -2.42
N ALA A 394 -8.48 18.20 -2.25
CA ALA A 394 -9.92 18.21 -2.54
C ALA A 394 -10.75 18.55 -1.31
N ALA A 395 -10.38 19.62 -0.62
CA ALA A 395 -11.18 20.13 0.48
C ALA A 395 -11.20 21.65 0.57
N THR A 396 -10.54 22.33 -0.34
CA THR A 396 -10.39 23.77 -0.49
C THR A 396 -11.68 24.39 -1.01
N PRO A 397 -12.04 25.56 -0.47
CA PRO A 397 -13.26 26.22 -0.96
C PRO A 397 -13.27 26.45 -2.47
N GLU A 398 -12.11 26.77 -3.05
CA GLU A 398 -12.04 26.98 -4.49
C GLU A 398 -12.36 25.70 -5.25
N HIS A 399 -11.85 24.56 -4.79
CA HIS A 399 -12.17 23.29 -5.43
C HIS A 399 -13.63 22.93 -5.23
N LEU A 400 -14.17 23.19 -4.05
CA LEU A 400 -15.57 22.86 -3.78
C LEU A 400 -16.52 23.69 -4.63
N LYS A 401 -16.22 24.97 -4.83
CA LYS A 401 -17.06 25.81 -5.67
C LYS A 401 -16.81 25.61 -7.15
N SER A 402 -15.75 24.90 -7.53
CA SER A 402 -15.49 24.59 -8.92
C SER A 402 -16.24 23.37 -9.40
N ILE A 403 -16.89 22.62 -8.50
CA ILE A 403 -17.70 21.47 -8.86
C ILE A 403 -19.17 21.67 -8.56
N GLY A 404 -19.55 22.83 -8.04
CA GLY A 404 -20.94 23.18 -7.87
C GLY A 404 -21.52 22.96 -6.49
N LEU A 405 -20.69 22.93 -5.45
CA LEU A 405 -21.16 22.69 -4.10
C LEU A 405 -21.13 23.94 -3.22
N LEU A 406 -20.53 25.03 -3.70
CA LEU A 406 -20.56 26.32 -3.06
C LEU A 406 -21.05 27.35 -4.05
N PRO A 407 -21.72 28.41 -3.59
CA PRO A 407 -22.20 29.44 -4.53
C PRO A 407 -21.04 30.12 -5.24
N SER A 408 -21.32 30.56 -6.46
CA SER A 408 -20.29 31.23 -7.26
C SER A 408 -19.83 32.55 -6.65
N ASP A 409 -20.65 33.17 -5.81
CA ASP A 409 -20.29 34.43 -5.15
C ASP A 409 -19.81 34.21 -3.72
N PHE A 410 -19.29 33.02 -3.42
CA PHE A 410 -18.85 32.72 -2.06
C PHE A 410 -17.53 33.43 -1.77
N GLN A 411 -17.49 34.15 -0.64
CA GLN A 411 -16.30 34.86 -0.21
C GLN A 411 -15.78 34.24 1.09
N GLU A 412 -14.49 33.91 1.11
CA GLU A 412 -13.88 33.29 2.28
C GLU A 412 -13.39 34.37 3.24
N ASP A 413 -13.76 34.23 4.51
CA ASP A 413 -13.33 35.17 5.53
C ASP A 413 -12.02 34.70 6.17
N ASN A 414 -11.51 35.50 7.11
CA ASN A 414 -10.23 35.20 7.73
C ASN A 414 -10.36 34.46 9.06
N GLU A 415 -11.53 34.49 9.69
CA GLU A 415 -11.73 33.76 10.93
C GLU A 415 -11.90 32.27 10.72
N THR A 416 -12.62 31.88 9.66
CA THR A 416 -12.78 30.47 9.35
C THR A 416 -11.45 29.82 9.01
N GLU A 417 -10.53 30.56 8.40
CA GLU A 417 -9.19 30.03 8.14
C GLU A 417 -8.47 29.69 9.43
N ILE A 418 -8.57 30.57 10.43
CA ILE A 418 -7.95 30.30 11.73
C ILE A 418 -8.59 29.09 12.39
N ASN A 419 -9.92 28.99 12.31
CA ASN A 419 -10.59 27.83 12.88
C ASN A 419 -10.12 26.54 12.23
N PHE A 420 -10.02 26.54 10.90
CA PHE A 420 -9.57 25.35 10.17
C PHE A 420 -8.15 25.00 10.55
N LEU A 421 -7.26 25.99 10.63
CA LEU A 421 -5.87 25.73 10.96
C LEU A 421 -5.73 25.17 12.37
N LEU A 422 -6.49 25.72 13.33
CA LEU A 422 -6.38 25.21 14.69
C LEU A 422 -6.94 23.79 14.80
N LYS A 423 -8.02 23.51 14.09
CA LYS A 423 -8.56 22.15 14.10
C LYS A 423 -7.56 21.17 13.48
N GLN A 424 -6.87 21.59 12.42
CA GLN A 424 -5.82 20.75 11.83
C GLN A 424 -4.68 20.54 12.81
N ALA A 425 -4.29 21.60 13.52
CA ALA A 425 -3.16 21.50 14.45
C ALA A 425 -3.48 20.57 15.61
N LEU A 426 -4.73 20.58 16.09
CA LEU A 426 -5.09 19.71 17.19
C LEU A 426 -4.95 18.23 16.84
N THR A 427 -4.87 17.90 15.55
CA THR A 427 -4.71 16.52 15.10
C THR A 427 -3.30 16.21 14.61
N ILE A 428 -2.63 17.16 13.95
CA ILE A 428 -1.34 16.87 13.33
C ILE A 428 -0.19 17.18 14.27
N VAL A 429 -0.06 18.43 14.72
CA VAL A 429 1.09 18.81 15.52
C VAL A 429 0.97 18.35 16.96
N GLY A 430 -0.23 18.02 17.41
CA GLY A 430 -0.45 17.59 18.77
C GLY A 430 -0.18 16.13 19.06
N THR A 431 0.27 15.37 18.07
CA THR A 431 0.56 13.96 18.26
C THR A 431 2.03 13.58 18.05
N LEU A 432 2.84 14.48 17.49
CA LEU A 432 4.25 14.16 17.24
C LEU A 432 5.03 13.88 18.52
N PRO A 433 4.94 14.70 19.58
CA PRO A 433 5.68 14.36 20.80
C PRO A 433 5.28 13.02 21.40
N PHE A 434 3.99 12.67 21.32
CA PHE A 434 3.53 11.37 21.82
C PHE A 434 4.25 10.22 21.11
N THR A 435 4.26 10.27 19.78
CA THR A 435 4.91 9.22 18.99
C THR A 435 6.41 9.18 19.28
N TYR A 436 7.05 10.34 19.31
CA TYR A 436 8.49 10.39 19.53
C TYR A 436 8.86 9.81 20.89
N MET A 437 8.09 10.17 21.92
CA MET A 437 8.36 9.66 23.27
C MET A 437 8.14 8.16 23.35
N LEU A 438 7.04 7.67 22.77
CA LEU A 438 6.76 6.24 22.87
C LEU A 438 7.84 5.42 22.17
N GLU A 439 8.24 5.85 20.97
CA GLU A 439 9.33 5.14 20.28
C GLU A 439 10.63 5.23 21.05
N LYS A 440 10.96 6.40 21.61
CA LYS A 440 12.21 6.53 22.34
C LYS A 440 12.24 5.60 23.55
N TRP A 441 11.14 5.57 24.31
CA TRP A 441 11.06 4.71 25.49
C TRP A 441 11.17 3.24 25.13
N ARG A 442 10.48 2.82 24.06
CA ARG A 442 10.48 1.40 23.73
C ARG A 442 11.80 0.98 23.11
N TRP A 443 12.45 1.87 22.36
CA TRP A 443 13.81 1.60 21.88
C TRP A 443 14.77 1.43 23.04
N MET A 444 14.67 2.30 24.05
CA MET A 444 15.54 2.17 25.21
C MET A 444 15.27 0.88 25.97
N VAL A 445 14.00 0.50 26.12
CA VAL A 445 13.71 -0.70 26.91
C VAL A 445 14.13 -1.96 26.16
N PHE A 446 14.11 -1.94 24.83
CA PHE A 446 14.66 -3.08 24.09
C PHE A 446 16.18 -3.09 24.13
N LYS A 447 16.81 -1.91 24.12
CA LYS A 447 18.27 -1.86 24.15
C LYS A 447 18.82 -2.35 25.48
N GLY A 448 18.18 -1.98 26.58
CA GLY A 448 18.64 -2.43 27.89
C GLY A 448 19.09 -1.30 28.80
N ASP A 449 18.90 -0.05 28.37
CA ASP A 449 19.28 1.09 29.19
C ASP A 449 18.33 1.32 30.36
N ILE A 450 17.10 0.83 30.28
CA ILE A 450 16.13 0.95 31.36
C ILE A 450 15.87 -0.43 31.95
N PRO A 451 16.36 -0.72 33.15
CA PRO A 451 16.06 -2.02 33.76
C PRO A 451 14.62 -2.12 34.25
N LYS A 452 14.28 -3.27 34.83
CA LYS A 452 12.91 -3.50 35.27
C LYS A 452 12.56 -2.63 36.48
N GLU A 453 13.54 -2.33 37.32
CA GLU A 453 13.27 -1.53 38.51
C GLU A 453 12.85 -0.11 38.16
N GLN A 454 13.47 0.48 37.13
CA GLN A 454 13.14 1.83 36.68
C GLN A 454 12.21 1.81 35.47
N TRP A 455 11.33 0.80 35.43
CA TRP A 455 10.49 0.58 34.27
C TRP A 455 9.49 1.71 34.07
N MET A 456 8.89 2.19 35.17
CA MET A 456 7.81 3.15 35.10
C MET A 456 8.20 4.54 35.59
N GLU A 457 9.33 4.67 36.29
CA GLU A 457 9.75 6.00 36.72
C GLU A 457 10.33 6.80 35.56
N LYS A 458 10.90 6.12 34.56
CA LYS A 458 11.40 6.82 33.39
C LYS A 458 10.28 7.25 32.45
N TRP A 459 9.23 6.43 32.32
CA TRP A 459 8.12 6.77 31.46
C TRP A 459 7.43 8.05 31.90
N TRP A 460 7.10 8.14 33.18
CA TRP A 460 6.33 9.28 33.68
C TRP A 460 7.16 10.53 33.84
N GLU A 461 8.49 10.44 33.73
CA GLU A 461 9.34 11.63 33.70
C GLU A 461 9.64 12.11 32.29
N MET A 462 9.79 11.21 31.33
CA MET A 462 9.83 11.64 29.94
C MET A 462 8.49 12.22 29.51
N LYS A 463 7.40 11.75 30.12
CA LYS A 463 6.09 12.34 29.84
C LYS A 463 6.07 13.83 30.18
N ARG A 464 6.56 14.20 31.36
CA ARG A 464 6.53 15.59 31.79
C ARG A 464 7.74 16.38 31.31
N GLU A 465 8.76 15.73 30.77
CA GLU A 465 9.89 16.46 30.19
C GLU A 465 9.71 16.76 28.71
N ILE A 466 9.11 15.85 27.94
CA ILE A 466 8.97 16.05 26.50
C ILE A 466 7.56 16.50 26.16
N VAL A 467 6.56 15.67 26.47
CA VAL A 467 5.19 15.99 26.12
C VAL A 467 4.66 17.14 26.96
N GLY A 468 4.92 17.10 28.26
CA GLY A 468 4.41 18.12 29.16
C GLY A 468 3.10 17.71 29.82
N VAL A 469 3.00 16.44 30.18
CA VAL A 469 1.80 15.87 30.77
C VAL A 469 2.17 15.17 32.06
N VAL A 470 1.38 15.40 33.11
CA VAL A 470 1.65 14.86 34.44
C VAL A 470 0.51 13.96 34.85
N GLU A 471 0.86 12.82 35.46
CA GLU A 471 -0.12 11.87 35.97
C GLU A 471 -0.88 12.44 37.17
N PRO A 472 -2.14 12.05 37.35
CA PRO A 472 -2.93 12.59 38.47
C PRO A 472 -2.77 11.79 39.76
N LEU A 473 -2.35 10.53 39.66
CA LEU A 473 -2.14 9.69 40.82
C LEU A 473 -0.78 9.01 40.71
N PRO A 474 -0.13 8.75 41.84
CA PRO A 474 1.17 8.07 41.79
C PRO A 474 1.02 6.64 41.31
N HIS A 475 2.04 6.17 40.60
CA HIS A 475 2.04 4.82 40.04
C HIS A 475 3.27 4.06 40.51
N ASP A 476 3.05 2.89 41.08
CA ASP A 476 4.11 2.05 41.62
C ASP A 476 4.76 1.30 40.46
N GLU A 477 5.59 0.31 40.78
CA GLU A 477 6.29 -0.47 39.77
C GLU A 477 5.52 -1.72 39.37
N THR A 478 4.25 -1.82 39.73
CA THR A 478 3.39 -2.91 39.29
C THR A 478 2.58 -2.58 38.06
N TYR A 479 2.25 -1.31 37.85
CA TYR A 479 1.51 -0.88 36.68
C TYR A 479 2.37 -0.95 35.42
N CYS A 480 1.70 -1.08 34.27
CA CYS A 480 2.36 -0.99 32.96
C CYS A 480 1.47 -0.09 32.10
N ASP A 481 1.70 1.22 32.20
CA ASP A 481 0.90 2.17 31.41
C ASP A 481 1.11 2.02 29.91
N PRO A 482 2.33 1.88 29.38
CA PRO A 482 2.47 1.75 27.92
C PRO A 482 1.73 0.56 27.34
N ALA A 483 1.58 -0.53 28.09
CA ALA A 483 0.90 -1.72 27.58
C ALA A 483 -0.59 -1.48 27.37
N ALA A 484 -1.15 -0.43 27.96
CA ALA A 484 -2.56 -0.12 27.78
C ALA A 484 -2.78 0.68 26.50
N LEU A 485 -2.23 0.17 25.39
CA LEU A 485 -2.40 0.78 24.08
C LEU A 485 -2.40 -0.34 23.05
N PHE A 486 -3.11 -0.13 21.94
CA PHE A 486 -3.29 -1.20 20.97
C PHE A 486 -1.97 -1.63 20.34
N HIS A 487 -1.13 -0.65 19.96
CA HIS A 487 0.08 -0.96 19.22
C HIS A 487 1.16 -1.60 20.08
N VAL A 488 1.20 -1.29 21.38
CA VAL A 488 2.25 -1.86 22.23
C VAL A 488 1.94 -3.31 22.58
N SER A 489 0.67 -3.67 22.67
CA SER A 489 0.25 -5.02 23.04
C SER A 489 -0.15 -5.86 21.83
N ASN A 490 0.17 -5.42 20.62
CA ASN A 490 -0.12 -6.20 19.42
C ASN A 490 1.02 -6.21 18.43
N ASP A 491 2.22 -5.77 18.80
CA ASP A 491 3.40 -5.79 17.95
C ASP A 491 3.20 -5.02 16.65
N TYR A 492 3.04 -3.70 16.79
CA TYR A 492 2.99 -2.80 15.65
C TYR A 492 3.99 -1.68 15.87
N SER A 493 4.81 -1.42 14.84
CA SER A 493 5.75 -0.31 14.90
C SER A 493 5.00 1.02 14.95
N PHE A 494 5.56 1.97 15.69
CA PHE A 494 4.92 3.25 15.97
C PHE A 494 5.78 4.40 15.50
N ILE A 495 6.49 4.23 14.39
CA ILE A 495 7.36 5.28 13.87
C ILE A 495 6.91 5.78 12.50
N ARG A 496 6.00 5.06 11.83
CA ARG A 496 5.56 5.48 10.51
C ARG A 496 4.71 6.75 10.59
N TYR A 497 4.05 6.98 11.72
CA TYR A 497 3.18 8.16 11.84
C TYR A 497 3.97 9.46 11.91
N TYR A 498 5.17 9.45 12.48
CA TYR A 498 6.04 10.61 12.50
C TYR A 498 6.58 10.91 11.10
N THR A 499 7.09 9.87 10.45
CA THR A 499 7.72 10.03 9.13
C THR A 499 6.68 10.45 8.09
N ARG A 500 5.46 9.92 8.13
CA ARG A 500 4.37 10.27 7.18
C ARG A 500 4.01 11.73 7.35
N THR A 501 3.89 12.19 8.59
CA THR A 501 3.52 13.59 8.86
C THR A 501 4.65 14.49 8.38
N ILE A 502 5.90 14.01 8.36
CA ILE A 502 6.96 14.83 7.80
C ILE A 502 6.92 14.83 6.28
N TYR A 503 6.72 13.67 5.66
CA TYR A 503 6.79 13.59 4.19
C TYR A 503 5.62 14.26 3.48
N GLN A 504 4.42 14.22 4.08
CA GLN A 504 3.25 14.69 3.33
C GLN A 504 3.36 16.16 2.97
N PHE A 505 3.89 16.98 3.87
CA PHE A 505 3.99 18.40 3.59
C PHE A 505 5.11 18.72 2.61
N GLN A 506 6.21 17.96 2.63
CA GLN A 506 7.21 18.11 1.58
C GLN A 506 6.62 17.82 0.21
N PHE A 507 5.87 16.72 0.11
CA PHE A 507 5.22 16.39 -1.15
C PHE A 507 4.27 17.49 -1.59
N GLN A 508 3.46 17.99 -0.66
CA GLN A 508 2.48 19.01 -1.01
C GLN A 508 3.17 20.29 -1.47
N GLU A 509 4.23 20.71 -0.78
CA GLU A 509 4.93 21.92 -1.18
C GLU A 509 5.58 21.77 -2.54
N ALA A 510 6.19 20.62 -2.81
CA ALA A 510 6.80 20.41 -4.12
C ALA A 510 5.76 20.44 -5.23
N LEU A 511 4.64 19.76 -5.03
CA LEU A 511 3.59 19.74 -6.06
C LEU A 511 2.98 21.11 -6.25
N CYS A 512 2.76 21.86 -5.17
CA CYS A 512 2.20 23.20 -5.28
C CYS A 512 3.14 24.14 -6.01
N GLN A 513 4.45 24.04 -5.73
CA GLN A 513 5.42 24.84 -6.46
C GLN A 513 5.46 24.44 -7.93
N ALA A 514 5.24 23.16 -8.24
CA ALA A 514 5.22 22.73 -9.63
C ALA A 514 3.99 23.27 -10.36
N ALA A 515 2.92 23.54 -9.63
CA ALA A 515 1.67 23.99 -10.23
C ALA A 515 1.56 25.50 -10.35
N LYS A 516 2.57 26.25 -9.91
CA LYS A 516 2.60 27.70 -9.98
C LYS A 516 1.39 28.31 -9.26
N HIS A 517 1.35 28.08 -7.95
CA HIS A 517 0.29 28.59 -7.10
C HIS A 517 0.84 29.70 -6.21
N ASP A 518 0.10 30.81 -6.14
CA ASP A 518 0.47 31.94 -5.31
C ASP A 518 -0.50 32.09 -4.14
N GLY A 519 0.06 32.42 -2.97
CA GLY A 519 -0.72 32.55 -1.77
C GLY A 519 -0.30 31.56 -0.71
N PRO A 520 -1.05 31.49 0.38
CA PRO A 520 -0.73 30.52 1.44
C PRO A 520 -0.82 29.08 0.95
N LEU A 521 0.00 28.23 1.56
CA LEU A 521 0.08 26.84 1.12
C LEU A 521 -1.15 26.04 1.50
N HIS A 522 -1.88 26.47 2.52
CA HIS A 522 -3.08 25.74 2.94
C HIS A 522 -4.27 26.00 2.01
N LYS A 523 -4.12 26.88 1.03
CA LYS A 523 -5.14 27.15 0.03
C LYS A 523 -4.68 26.72 -1.36
N CYS A 524 -4.00 25.59 -1.45
CA CYS A 524 -3.39 25.13 -2.69
C CYS A 524 -4.19 23.96 -3.26
N ASP A 525 -4.45 24.03 -4.57
CA ASP A 525 -5.14 22.95 -5.30
C ASP A 525 -4.29 22.58 -6.50
N ILE A 526 -4.04 21.30 -6.68
CA ILE A 526 -3.20 20.81 -7.76
C ILE A 526 -4.04 20.34 -8.96
N SER A 527 -5.30 20.75 -9.03
CA SER A 527 -6.14 20.37 -10.15
C SER A 527 -5.71 21.08 -11.42
N ASN A 528 -5.94 20.41 -12.55
CA ASN A 528 -5.60 20.94 -13.88
C ASN A 528 -4.13 21.30 -13.99
N SER A 529 -3.27 20.45 -13.45
CA SER A 529 -1.81 20.68 -13.49
C SER A 529 -1.14 19.40 -13.95
N THR A 530 -0.63 19.40 -15.18
CA THR A 530 0.03 18.22 -15.72
C THR A 530 1.44 18.04 -15.16
N GLU A 531 2.14 19.13 -14.87
CA GLU A 531 3.52 19.03 -14.38
C GLU A 531 3.57 18.31 -13.03
N ALA A 532 2.67 18.66 -12.11
CA ALA A 532 2.66 18.02 -10.81
C ALA A 532 2.35 16.53 -10.94
N GLY A 533 1.39 16.19 -11.79
CA GLY A 533 1.09 14.78 -12.02
C GLY A 533 2.27 14.03 -12.61
N GLN A 534 3.00 14.66 -13.53
CA GLN A 534 4.17 14.02 -14.13
C GLN A 534 5.25 13.77 -13.09
N LYS A 535 5.50 14.76 -12.22
CA LYS A 535 6.50 14.56 -11.17
C LYS A 535 6.10 13.44 -10.21
N LEU A 536 4.83 13.47 -9.75
CA LEU A 536 4.38 12.44 -8.82
C LEU A 536 4.44 11.07 -9.45
N LEU A 537 4.02 10.95 -10.72
CA LEU A 537 4.08 9.68 -11.42
C LEU A 537 5.52 9.22 -11.63
N ASN A 538 6.45 10.16 -11.81
CA ASN A 538 7.86 9.79 -11.89
C ASN A 538 8.33 9.18 -10.57
N MET A 539 7.90 9.74 -9.45
CA MET A 539 8.21 9.10 -8.17
C MET A 539 7.48 7.77 -8.04
N LEU A 540 6.17 7.65 -8.31
CA LEU A 540 5.38 6.42 -7.98
C LEU A 540 5.55 5.21 -8.90
N ARG A 541 6.54 5.16 -9.77
CA ARG A 541 6.73 4.12 -10.77
C ARG A 541 7.69 3.04 -10.31
N LEU A 542 8.40 3.27 -9.21
CA LEU A 542 9.55 2.47 -8.82
C LEU A 542 9.20 1.39 -7.79
N GLY A 543 8.63 1.78 -6.67
CA GLY A 543 8.36 0.84 -5.59
C GLY A 543 9.58 0.67 -4.70
N LYS A 544 10.06 -0.56 -4.58
CA LYS A 544 11.27 -0.87 -3.83
C LYS A 544 12.47 -1.11 -4.74
N SER A 545 12.35 -0.80 -6.03
CA SER A 545 13.45 -1.04 -6.96
C SER A 545 14.67 -0.19 -6.61
N GLU A 546 14.45 1.04 -6.20
CA GLU A 546 15.51 1.98 -5.89
C GLU A 546 15.43 2.40 -4.44
N PRO A 547 16.55 2.83 -3.84
CA PRO A 547 16.51 3.35 -2.47
C PRO A 547 15.58 4.55 -2.36
N TRP A 548 14.94 4.68 -1.20
CA TRP A 548 13.93 5.72 -1.05
C TRP A 548 14.52 7.12 -1.13
N THR A 549 15.84 7.24 -1.02
CA THR A 549 16.47 8.54 -1.22
C THR A 549 16.25 9.04 -2.65
N LEU A 550 16.40 8.16 -3.64
CA LEU A 550 16.10 8.54 -5.02
C LEU A 550 14.63 8.88 -5.19
N ALA A 551 13.74 8.10 -4.56
CA ALA A 551 12.31 8.37 -4.68
C ALA A 551 11.95 9.74 -4.13
N LEU A 552 12.53 10.11 -2.99
CA LEU A 552 12.26 11.42 -2.40
C LEU A 552 12.88 12.53 -3.24
N GLU A 553 14.10 12.31 -3.76
CA GLU A 553 14.74 13.31 -4.60
C GLU A 553 13.95 13.54 -5.88
N ASN A 554 13.26 12.51 -6.36
CA ASN A 554 12.51 12.63 -7.61
C ASN A 554 11.35 13.61 -7.51
N VAL A 555 10.95 13.99 -6.29
CA VAL A 555 9.90 14.97 -6.10
C VAL A 555 10.48 16.25 -5.51
N VAL A 556 11.06 16.15 -4.31
CA VAL A 556 11.40 17.36 -3.56
C VAL A 556 12.81 17.84 -3.81
N GLY A 557 13.63 17.08 -4.54
CA GLY A 557 15.01 17.46 -4.73
C GLY A 557 15.84 17.43 -3.47
N ALA A 558 15.37 16.74 -2.45
CA ALA A 558 16.09 16.61 -1.18
C ALA A 558 16.31 15.13 -0.89
N ARG A 559 17.41 14.85 -0.19
CA ARG A 559 17.82 13.49 0.09
C ARG A 559 17.32 12.97 1.44
N ASN A 560 16.74 13.82 2.28
CA ASN A 560 16.42 13.43 3.64
C ASN A 560 15.23 14.28 4.12
N MET A 561 14.73 13.97 5.31
CA MET A 561 13.56 14.63 5.85
C MET A 561 13.83 16.09 6.16
N ASP A 562 12.79 16.91 6.03
CA ASP A 562 12.87 18.34 6.29
C ASP A 562 11.61 18.78 7.03
N VAL A 563 11.72 19.89 7.74
CA VAL A 563 10.63 20.37 8.59
C VAL A 563 10.04 21.69 8.10
N ARG A 564 10.76 22.41 7.25
CA ARG A 564 10.31 23.73 6.84
C ARG A 564 8.92 23.76 6.19
N PRO A 565 8.54 22.82 5.31
CA PRO A 565 7.15 22.87 4.80
C PRO A 565 6.10 22.79 5.88
N LEU A 566 6.30 21.96 6.91
CA LEU A 566 5.31 21.85 7.98
C LEU A 566 5.16 23.15 8.74
N LEU A 567 6.28 23.81 9.06
CA LEU A 567 6.21 25.09 9.75
C LEU A 567 5.64 26.18 8.86
N ASN A 568 5.90 26.11 7.54
CA ASN A 568 5.32 27.07 6.61
C ASN A 568 3.82 26.90 6.50
N TYR A 569 3.32 25.67 6.68
CA TYR A 569 1.88 25.42 6.57
C TYR A 569 1.10 26.08 7.69
N PHE A 570 1.71 26.27 8.87
CA PHE A 570 1.04 26.77 10.05
C PHE A 570 1.54 28.16 10.45
N GLU A 571 1.81 29.02 9.48
CA GLU A 571 2.36 30.33 9.77
C GLU A 571 1.31 31.30 10.31
N PRO A 572 0.14 31.46 9.66
CA PRO A 572 -0.89 32.33 10.25
C PRO A 572 -1.32 31.88 11.62
N LEU A 573 -1.43 30.57 11.85
CA LEU A 573 -1.76 30.08 13.17
C LEU A 573 -0.67 30.44 14.18
N SER A 574 0.60 30.34 13.76
CA SER A 574 1.69 30.67 14.67
C SER A 574 1.66 32.14 15.07
N VAL A 575 1.44 33.03 14.10
CA VAL A 575 1.43 34.46 14.43
C VAL A 575 0.21 34.80 15.29
N TRP A 576 -0.94 34.18 15.01
CA TRP A 576 -2.11 34.40 15.84
C TRP A 576 -1.87 33.92 17.28
N LEU A 577 -1.25 32.76 17.43
CA LEU A 577 -0.97 32.23 18.76
C LEU A 577 0.01 33.12 19.51
N LYS A 578 1.05 33.61 18.82
CA LYS A 578 1.98 34.53 19.49
C LYS A 578 1.28 35.80 19.93
N GLU A 579 0.36 36.32 19.11
CA GLU A 579 -0.38 37.51 19.52
C GLU A 579 -1.27 37.20 20.74
N GLN A 580 -1.90 36.03 20.77
CA GLN A 580 -2.75 35.68 21.90
C GLN A 580 -1.95 35.42 23.16
N ASN A 581 -0.80 34.76 23.05
CA ASN A 581 0.02 34.42 24.21
C ASN A 581 1.00 35.56 24.52
N LYS A 582 0.43 36.69 24.91
CA LYS A 582 1.21 37.89 25.17
C LYS A 582 1.40 38.16 26.66
N ASN A 583 0.43 37.80 27.48
CA ASN A 583 0.50 37.98 28.94
C ASN A 583 0.35 36.65 29.65
N SER A 584 1.01 35.62 29.15
CA SER A 584 0.93 34.28 29.74
C SER A 584 2.29 33.61 29.64
N PHE A 585 2.49 32.60 30.48
CA PHE A 585 3.72 31.81 30.47
C PHE A 585 3.62 30.74 29.39
N VAL A 586 4.68 30.60 28.61
CA VAL A 586 4.66 29.70 27.46
C VAL A 586 5.07 28.28 27.84
N GLY A 587 6.17 28.12 28.57
CA GLY A 587 6.69 26.82 28.89
C GLY A 587 5.99 26.18 30.08
N TRP A 588 6.64 25.15 30.61
CA TRP A 588 6.12 24.38 31.74
C TRP A 588 7.28 23.89 32.59
N ASN A 589 6.97 23.58 33.85
CA ASN A 589 7.95 23.03 34.77
C ASN A 589 7.56 21.61 35.16
N THR A 590 8.53 20.86 35.65
CA THR A 590 8.36 19.44 35.94
C THR A 590 8.28 19.16 37.43
N ASP A 591 7.95 20.15 38.25
CA ASP A 591 7.94 20.00 39.69
C ASP A 591 6.55 20.22 40.28
N TRP A 592 5.50 20.04 39.47
CA TRP A 592 4.14 20.18 39.93
C TRP A 592 3.37 18.92 39.60
N SER A 593 2.56 18.46 40.56
CA SER A 593 1.75 17.28 40.39
C SER A 593 0.47 17.50 41.18
N PRO A 594 -0.68 17.10 40.64
CA PRO A 594 -1.93 17.35 41.36
C PRO A 594 -2.23 16.28 42.41
N TYR A 595 -1.21 15.87 43.16
CA TYR A 595 -1.42 15.06 44.35
C TYR A 595 -0.51 15.45 45.51
N ALA A 596 0.49 16.29 45.30
CA ALA A 596 1.38 16.71 46.36
C ALA A 596 0.70 17.74 47.27
N THR B 1 -17.38 -20.86 -55.64
CA THR B 1 -16.28 -21.18 -56.53
C THR B 1 -15.47 -22.33 -55.94
N ASN B 2 -14.45 -21.98 -55.14
CA ASN B 2 -13.67 -22.98 -54.42
C ASN B 2 -13.49 -22.57 -52.97
N LEU B 3 -13.54 -21.26 -52.71
CA LEU B 3 -13.23 -20.65 -51.41
C LEU B 3 -11.99 -21.26 -50.78
N CYS B 4 -11.83 -21.11 -49.46
CA CYS B 4 -10.56 -21.59 -48.92
C CYS B 4 -10.67 -21.68 -47.40
N PRO B 5 -10.18 -22.76 -46.77
CA PRO B 5 -10.51 -22.99 -45.35
C PRO B 5 -9.81 -22.08 -44.37
N PHE B 6 -10.30 -20.85 -44.23
CA PHE B 6 -9.92 -20.00 -43.11
C PHE B 6 -10.91 -20.08 -41.95
N ASP B 7 -12.06 -20.73 -42.15
CA ASP B 7 -13.03 -20.89 -41.07
C ASP B 7 -12.64 -21.99 -40.09
N GLU B 8 -11.79 -22.92 -40.50
CA GLU B 8 -11.30 -23.96 -39.61
C GLU B 8 -10.06 -23.55 -38.85
N VAL B 9 -9.52 -22.36 -39.13
CA VAL B 9 -8.36 -21.83 -38.43
C VAL B 9 -8.78 -20.74 -37.44
N PHE B 10 -9.57 -19.78 -37.90
CA PHE B 10 -9.99 -18.68 -37.04
C PHE B 10 -11.11 -19.07 -36.09
N ASN B 11 -12.00 -19.97 -36.50
CA ASN B 11 -13.15 -20.36 -35.71
C ASN B 11 -13.01 -21.76 -35.12
N ALA B 12 -11.78 -22.22 -34.88
CA ALA B 12 -11.57 -23.52 -34.26
C ALA B 12 -12.03 -23.49 -32.81
N THR B 13 -12.53 -24.64 -32.34
CA THR B 13 -13.05 -24.72 -30.98
C THR B 13 -11.94 -24.75 -29.94
N ARG B 14 -10.76 -25.25 -30.28
CA ARG B 14 -9.64 -25.36 -29.36
C ARG B 14 -8.37 -24.92 -30.05
N PHE B 15 -7.57 -24.10 -29.37
CA PHE B 15 -6.29 -23.65 -29.87
C PHE B 15 -5.15 -24.41 -29.19
N ALA B 16 -3.95 -24.19 -29.72
CA ALA B 16 -2.76 -24.89 -29.23
C ALA B 16 -1.99 -24.02 -28.24
N SER B 17 -1.09 -24.68 -27.52
CA SER B 17 -0.20 -23.97 -26.61
C SER B 17 0.90 -23.26 -27.40
N VAL B 18 1.61 -22.37 -26.70
CA VAL B 18 2.59 -21.53 -27.38
C VAL B 18 3.77 -22.36 -27.88
N TYR B 19 4.24 -23.30 -27.07
CA TYR B 19 5.40 -24.10 -27.42
C TYR B 19 5.07 -25.24 -28.38
N ALA B 20 3.80 -25.48 -28.68
CA ALA B 20 3.37 -26.53 -29.59
C ALA B 20 2.38 -25.97 -30.61
N TRP B 21 2.74 -24.84 -31.21
CA TRP B 21 1.83 -24.15 -32.11
C TRP B 21 1.58 -24.93 -33.39
N ASN B 22 0.32 -24.92 -33.85
CA ASN B 22 -0.05 -25.57 -35.08
C ASN B 22 0.43 -24.77 -36.28
N ARG B 23 0.61 -25.48 -37.40
CA ARG B 23 1.01 -24.87 -38.66
C ARG B 23 0.22 -25.54 -39.77
N LYS B 24 -0.44 -24.72 -40.59
CA LYS B 24 -1.32 -25.21 -41.64
C LYS B 24 -0.90 -24.62 -42.98
N ARG B 25 -1.02 -25.43 -44.03
CA ARG B 25 -0.67 -25.01 -45.38
C ARG B 25 -1.92 -24.74 -46.20
N ILE B 26 -1.83 -23.77 -47.10
CA ILE B 26 -2.93 -23.40 -47.98
C ILE B 26 -2.61 -23.88 -49.39
N SER B 27 -3.45 -24.79 -49.90
CA SER B 27 -3.28 -25.47 -51.19
C SER B 27 -3.74 -24.60 -52.36
N ASN B 28 -4.06 -25.24 -53.48
CA ASN B 28 -4.55 -24.56 -54.67
C ASN B 28 -5.93 -24.00 -54.34
N CYS B 29 -5.95 -22.82 -53.72
CA CYS B 29 -7.05 -22.43 -52.84
C CYS B 29 -7.33 -20.94 -53.02
N VAL B 30 -8.32 -20.60 -53.86
CA VAL B 30 -8.70 -19.20 -54.02
C VAL B 30 -9.24 -18.68 -52.69
N ALA B 31 -8.63 -17.62 -52.17
CA ALA B 31 -8.94 -17.14 -50.84
C ALA B 31 -9.18 -15.64 -50.86
N ASP B 32 -10.12 -15.20 -50.04
CA ASP B 32 -10.42 -13.78 -49.91
C ASP B 32 -10.15 -13.33 -48.48
N TYR B 33 -9.75 -12.08 -48.34
CA TYR B 33 -9.27 -11.57 -47.06
C TYR B 33 -10.24 -10.54 -46.51
N SER B 34 -11.49 -10.67 -46.86
CA SER B 34 -12.55 -9.79 -46.37
C SER B 34 -13.51 -10.52 -45.44
N VAL B 35 -13.57 -11.84 -45.51
CA VAL B 35 -14.34 -12.64 -44.56
C VAL B 35 -13.71 -12.50 -43.19
N LEU B 36 -12.39 -12.29 -43.14
CA LEU B 36 -11.71 -12.09 -41.87
C LEU B 36 -12.25 -10.86 -41.16
N TYR B 37 -12.63 -9.84 -41.91
CA TYR B 37 -13.27 -8.65 -41.34
C TYR B 37 -14.70 -9.00 -40.92
N ASN B 38 -15.46 -7.98 -40.52
CA ASN B 38 -16.81 -8.12 -40.00
C ASN B 38 -16.82 -8.83 -38.65
N PHE B 39 -15.63 -9.25 -38.21
CA PHE B 39 -15.45 -9.74 -36.84
C PHE B 39 -14.84 -8.60 -36.04
N ALA B 40 -15.70 -7.83 -35.39
CA ALA B 40 -15.35 -6.54 -34.78
C ALA B 40 -14.18 -6.60 -33.79
N PRO B 41 -14.16 -7.55 -32.84
CA PRO B 41 -13.12 -7.45 -31.79
C PRO B 41 -11.71 -7.80 -32.25
N PHE B 42 -11.23 -7.20 -33.32
CA PHE B 42 -9.81 -7.27 -33.67
C PHE B 42 -9.04 -6.15 -32.98
N PHE B 43 -8.49 -6.49 -31.81
CA PHE B 43 -7.69 -5.54 -31.03
C PHE B 43 -6.38 -5.24 -31.75
N THR B 44 -6.01 -6.06 -32.73
CA THR B 44 -4.79 -5.83 -33.49
C THR B 44 -4.95 -6.40 -34.89
N PHE B 45 -4.70 -5.57 -35.89
CA PHE B 45 -4.60 -6.03 -37.28
C PHE B 45 -3.66 -5.06 -38.01
N LYS B 46 -2.39 -5.44 -38.10
CA LYS B 46 -1.38 -4.61 -38.75
C LYS B 46 -0.44 -5.51 -39.54
N CYS B 47 -0.08 -5.07 -40.75
CA CYS B 47 0.61 -5.94 -41.70
C CYS B 47 1.94 -5.35 -42.14
N TYR B 48 2.90 -6.24 -42.36
CA TYR B 48 4.28 -5.90 -42.69
C TYR B 48 4.62 -6.42 -44.08
N GLY B 49 5.30 -5.59 -44.87
CA GLY B 49 5.68 -5.98 -46.21
C GLY B 49 4.58 -5.73 -47.23
N VAL B 50 3.36 -6.12 -46.90
CA VAL B 50 2.21 -5.95 -47.78
C VAL B 50 1.21 -5.01 -47.11
N SER B 51 0.43 -4.33 -47.95
CA SER B 51 -0.62 -3.42 -47.49
C SER B 51 -1.94 -4.17 -47.39
N PRO B 52 -2.69 -3.97 -46.31
CA PRO B 52 -3.95 -4.72 -46.15
C PRO B 52 -4.97 -4.45 -47.25
N THR B 53 -5.02 -3.22 -47.78
CA THR B 53 -6.02 -2.88 -48.78
C THR B 53 -5.77 -3.63 -50.09
N LYS B 54 -4.55 -3.57 -50.61
CA LYS B 54 -4.23 -4.23 -51.87
C LYS B 54 -3.67 -5.63 -51.64
N LEU B 55 -4.38 -6.42 -50.83
CA LEU B 55 -4.04 -7.82 -50.58
C LEU B 55 -4.94 -8.76 -51.37
N ASN B 56 -5.81 -8.21 -52.23
CA ASN B 56 -6.78 -8.99 -52.97
C ASN B 56 -6.40 -9.12 -54.44
N ASP B 57 -5.16 -8.77 -54.79
CA ASP B 57 -4.71 -8.83 -56.18
C ASP B 57 -3.42 -9.63 -56.30
N LEU B 58 -2.63 -9.68 -55.24
CA LEU B 58 -1.39 -10.43 -55.25
C LEU B 58 -1.66 -11.92 -55.24
N CYS B 59 -0.83 -12.68 -55.95
CA CYS B 59 -0.90 -14.13 -55.97
C CYS B 59 0.40 -14.74 -55.46
N PHE B 60 0.26 -15.85 -54.74
CA PHE B 60 1.37 -16.50 -54.04
C PHE B 60 1.37 -17.98 -54.35
N THR B 61 2.43 -18.67 -53.91
CA THR B 61 2.53 -20.11 -54.15
C THR B 61 1.82 -20.90 -53.06
N ASN B 62 2.09 -20.58 -51.80
CA ASN B 62 1.36 -21.17 -50.68
C ASN B 62 1.40 -20.21 -49.49
N VAL B 63 0.44 -20.40 -48.58
CA VAL B 63 0.28 -19.54 -47.41
C VAL B 63 0.26 -20.41 -46.17
N TYR B 64 0.96 -19.96 -45.12
CA TYR B 64 1.07 -20.69 -43.86
C TYR B 64 0.29 -19.95 -42.78
N ALA B 65 -0.51 -20.68 -42.01
CA ALA B 65 -1.26 -20.12 -40.89
C ALA B 65 -0.82 -20.80 -39.60
N ASP B 66 -0.38 -20.00 -38.63
CA ASP B 66 0.09 -20.49 -37.34
C ASP B 66 -0.79 -19.89 -36.24
N SER B 67 -1.29 -20.75 -35.36
CA SER B 67 -2.23 -20.33 -34.32
C SER B 67 -1.76 -20.79 -32.95
N PHE B 68 -1.89 -19.91 -31.96
CA PHE B 68 -1.57 -20.22 -30.57
C PHE B 68 -2.29 -19.19 -29.69
N VAL B 69 -2.21 -19.38 -28.38
CA VAL B 69 -2.83 -18.47 -27.42
C VAL B 69 -1.78 -18.03 -26.40
N ILE B 70 -1.69 -16.71 -26.18
CA ILE B 70 -0.73 -16.13 -25.26
C ILE B 70 -1.46 -15.13 -24.36
N ARG B 71 -0.67 -14.45 -23.53
CA ARG B 71 -1.17 -13.44 -22.61
C ARG B 71 -1.33 -12.10 -23.32
N GLY B 72 -2.12 -11.21 -22.71
CA GLY B 72 -2.41 -9.94 -23.34
C GLY B 72 -1.20 -9.03 -23.48
N ASN B 73 -0.33 -9.03 -22.47
CA ASN B 73 0.83 -8.15 -22.47
C ASN B 73 2.01 -8.78 -23.20
N GLU B 74 1.74 -9.80 -24.03
CA GLU B 74 2.77 -10.46 -24.81
C GLU B 74 2.56 -10.38 -26.30
N VAL B 75 1.50 -9.70 -26.76
CA VAL B 75 1.22 -9.61 -28.19
C VAL B 75 2.31 -8.80 -28.90
N ARG B 76 2.86 -7.79 -28.22
CA ARG B 76 3.88 -6.96 -28.84
C ARG B 76 5.17 -7.74 -29.14
N GLN B 77 5.36 -8.90 -28.50
CA GLN B 77 6.53 -9.72 -28.81
C GLN B 77 6.39 -10.49 -30.11
N ILE B 78 5.19 -10.57 -30.68
CA ILE B 78 4.99 -11.25 -31.97
C ILE B 78 5.20 -10.19 -33.03
N ALA B 79 6.47 -9.95 -33.35
CA ALA B 79 6.88 -8.94 -34.30
C ALA B 79 8.37 -9.10 -34.61
N PRO B 80 8.82 -8.78 -35.82
CA PRO B 80 10.24 -8.92 -36.13
C PRO B 80 11.11 -8.01 -35.28
N GLY B 81 12.29 -8.50 -34.93
CA GLY B 81 13.22 -7.72 -34.11
C GLY B 81 12.73 -7.42 -32.72
N GLN B 82 12.19 -8.42 -32.03
CA GLN B 82 11.65 -8.26 -30.68
C GLN B 82 12.33 -9.24 -29.74
N THR B 83 12.56 -8.79 -28.50
CA THR B 83 13.18 -9.60 -27.47
C THR B 83 12.24 -9.76 -26.29
N GLY B 84 12.13 -10.98 -25.79
CA GLY B 84 11.25 -11.27 -24.67
C GLY B 84 11.19 -12.75 -24.42
N ASN B 85 10.41 -13.12 -23.39
CA ASN B 85 10.29 -14.51 -23.01
C ASN B 85 9.64 -15.33 -24.12
N ILE B 86 8.55 -14.81 -24.71
CA ILE B 86 7.85 -15.56 -25.74
C ILE B 86 8.69 -15.67 -27.00
N ALA B 87 9.25 -14.55 -27.46
CA ALA B 87 10.06 -14.57 -28.68
C ALA B 87 11.53 -14.77 -28.39
N ASP B 88 11.87 -15.74 -27.54
CA ASP B 88 13.24 -16.21 -27.40
C ASP B 88 13.23 -17.73 -27.24
N TYR B 89 12.10 -18.26 -26.76
CA TYR B 89 12.00 -19.66 -26.40
C TYR B 89 10.78 -20.36 -26.97
N ASN B 90 9.77 -19.62 -27.45
CA ASN B 90 8.51 -20.21 -27.87
C ASN B 90 8.21 -19.99 -29.35
N TYR B 91 8.23 -18.75 -29.82
CA TYR B 91 7.90 -18.45 -31.20
C TYR B 91 8.69 -17.23 -31.66
N LYS B 92 9.45 -17.40 -32.75
CA LYS B 92 10.33 -16.35 -33.24
C LYS B 92 10.01 -16.07 -34.70
N LEU B 93 10.00 -14.77 -35.06
CA LEU B 93 9.80 -14.30 -36.42
C LEU B 93 11.09 -13.74 -36.99
N PRO B 94 11.32 -13.88 -38.29
CA PRO B 94 12.51 -13.30 -38.92
C PRO B 94 12.33 -11.81 -39.16
N ASP B 95 13.45 -11.13 -39.34
CA ASP B 95 13.44 -9.70 -39.62
C ASP B 95 12.92 -9.38 -41.01
N ASP B 96 12.90 -10.36 -41.92
CA ASP B 96 12.41 -10.19 -43.28
C ASP B 96 11.00 -10.74 -43.46
N PHE B 97 10.15 -10.60 -42.45
CA PHE B 97 8.80 -11.14 -42.50
C PHE B 97 7.99 -10.44 -43.58
N THR B 98 7.15 -11.22 -44.28
CA THR B 98 6.30 -10.74 -45.35
C THR B 98 4.88 -11.27 -45.18
N GLY B 99 4.33 -11.16 -43.98
CA GLY B 99 2.95 -11.54 -43.70
C GLY B 99 2.38 -10.62 -42.65
N CYS B 100 1.36 -11.07 -41.90
CA CYS B 100 0.92 -10.27 -40.76
C CYS B 100 0.10 -11.11 -39.78
N VAL B 101 -0.17 -10.48 -38.63
CA VAL B 101 -0.68 -11.15 -37.44
C VAL B 101 -2.06 -10.61 -37.11
N ILE B 102 -2.87 -11.45 -36.49
CA ILE B 102 -4.21 -11.09 -36.03
C ILE B 102 -4.35 -11.54 -34.59
N ALA B 103 -4.83 -10.65 -33.72
CA ALA B 103 -5.03 -10.97 -32.31
C ALA B 103 -6.40 -10.49 -31.87
N TRP B 104 -7.03 -11.25 -30.97
CA TRP B 104 -8.30 -10.84 -30.40
C TRP B 104 -8.47 -11.49 -29.04
N ASN B 105 -9.31 -10.86 -28.21
CA ASN B 105 -9.53 -11.33 -26.84
C ASN B 105 -10.39 -12.58 -26.82
N SER B 106 -10.08 -13.48 -25.90
CA SER B 106 -10.82 -14.73 -25.75
C SER B 106 -11.07 -15.03 -24.28
N ASN B 107 -11.48 -14.01 -23.52
CA ASN B 107 -11.73 -14.19 -22.09
C ASN B 107 -12.90 -15.15 -21.86
N LYS B 108 -13.97 -15.01 -22.63
CA LYS B 108 -15.17 -15.79 -22.36
C LYS B 108 -15.00 -17.26 -22.72
N LEU B 109 -14.06 -17.59 -23.60
CA LEU B 109 -13.92 -18.96 -24.10
C LEU B 109 -12.77 -19.73 -23.46
N ASP B 110 -11.82 -19.06 -22.83
CA ASP B 110 -10.60 -19.71 -22.36
C ASP B 110 -10.30 -19.49 -20.89
N SER B 111 -11.08 -18.69 -20.18
CA SER B 111 -10.87 -18.45 -18.76
C SER B 111 -12.02 -19.03 -17.96
N LYS B 112 -11.68 -19.75 -16.90
CA LYS B 112 -12.68 -20.34 -16.03
C LYS B 112 -12.27 -20.14 -14.57
N VAL B 113 -13.28 -20.12 -13.70
CA VAL B 113 -13.01 -20.05 -12.27
C VAL B 113 -12.25 -21.31 -11.86
N SER B 114 -11.40 -21.16 -10.83
CA SER B 114 -10.46 -22.16 -10.34
C SER B 114 -9.31 -22.40 -11.30
N GLY B 115 -9.21 -21.61 -12.38
CA GLY B 115 -8.04 -21.65 -13.24
C GLY B 115 -8.17 -22.58 -14.44
N ASN B 116 -7.51 -22.20 -15.53
CA ASN B 116 -7.44 -23.02 -16.74
C ASN B 116 -5.98 -23.36 -16.97
N TYR B 117 -5.57 -24.55 -16.53
CA TYR B 117 -4.17 -24.96 -16.54
C TYR B 117 -3.82 -25.79 -17.78
N ASN B 118 -4.57 -25.63 -18.87
CA ASN B 118 -4.35 -26.41 -20.08
C ASN B 118 -3.46 -25.71 -21.10
N TYR B 119 -2.97 -24.51 -20.79
CA TYR B 119 -2.11 -23.77 -21.69
C TYR B 119 -0.74 -23.61 -21.04
N LEU B 120 0.31 -23.94 -21.78
CA LEU B 120 1.67 -23.99 -21.26
C LEU B 120 2.58 -23.08 -22.08
N TYR B 121 3.73 -22.76 -21.50
CA TYR B 121 4.74 -21.98 -22.20
C TYR B 121 6.12 -22.30 -21.64
N ARG B 122 7.11 -22.24 -22.51
CA ARG B 122 8.50 -22.50 -22.15
C ARG B 122 9.08 -21.36 -21.34
N LEU B 123 9.84 -21.69 -20.31
CA LEU B 123 10.44 -20.69 -19.42
C LEU B 123 11.96 -20.76 -19.38
N PHE B 124 12.54 -21.96 -19.45
CA PHE B 124 13.98 -22.13 -19.38
C PHE B 124 14.48 -22.84 -20.63
N ARG B 125 15.55 -22.32 -21.23
CA ARG B 125 16.18 -22.93 -22.39
C ARG B 125 17.63 -22.46 -22.45
N LYS B 126 18.47 -23.26 -23.11
CA LYS B 126 19.89 -22.94 -23.20
C LYS B 126 20.15 -21.80 -24.19
N SER B 127 19.74 -21.98 -25.44
CA SER B 127 20.03 -21.02 -26.51
C SER B 127 18.74 -20.39 -27.02
N ASN B 128 18.88 -19.56 -28.06
CA ASN B 128 17.75 -18.88 -28.68
C ASN B 128 17.05 -19.83 -29.65
N LEU B 129 16.18 -19.29 -30.52
CA LEU B 129 15.16 -20.09 -31.16
C LEU B 129 15.38 -20.39 -32.64
N LYS B 130 16.26 -19.66 -33.35
CA LYS B 130 16.49 -19.96 -34.77
C LYS B 130 15.20 -19.93 -35.58
N PRO B 131 14.76 -18.73 -36.01
CA PRO B 131 13.34 -18.50 -36.37
C PRO B 131 12.66 -19.64 -37.12
N PHE B 132 11.37 -19.81 -36.80
CA PHE B 132 10.48 -20.82 -37.41
C PHE B 132 10.95 -22.24 -37.10
N GLU B 133 11.00 -22.57 -35.81
CA GLU B 133 11.10 -23.96 -35.39
C GLU B 133 10.45 -24.11 -34.02
N ARG B 134 10.09 -25.35 -33.70
CA ARG B 134 9.45 -25.68 -32.44
C ARG B 134 10.37 -26.58 -31.63
N ASP B 135 10.10 -26.63 -30.33
CA ASP B 135 10.76 -27.58 -29.44
C ASP B 135 9.73 -28.19 -28.49
N ILE B 136 9.63 -29.52 -28.51
CA ILE B 136 8.76 -30.25 -27.59
C ILE B 136 9.63 -31.22 -26.81
N SER B 137 10.14 -30.78 -25.66
CA SER B 137 11.02 -31.59 -24.85
C SER B 137 10.70 -31.36 -23.37
N THR B 138 10.70 -32.44 -22.61
CA THR B 138 10.45 -32.38 -21.17
C THR B 138 11.71 -32.69 -20.37
N GLU B 139 12.88 -32.56 -20.98
CA GLU B 139 14.13 -32.78 -20.28
C GLU B 139 14.34 -31.72 -19.20
N ILE B 140 14.99 -32.12 -18.11
CA ILE B 140 15.18 -31.24 -16.96
C ILE B 140 16.27 -30.24 -17.26
N TYR B 141 15.97 -28.95 -17.01
CA TYR B 141 16.95 -27.89 -17.21
C TYR B 141 18.00 -27.94 -16.11
N GLN B 142 19.27 -27.88 -16.50
CA GLN B 142 20.38 -27.90 -15.56
C GLN B 142 21.02 -26.52 -15.52
N ALA B 143 21.05 -25.92 -14.34
CA ALA B 143 21.59 -24.58 -14.16
C ALA B 143 22.94 -24.56 -13.46
N GLY B 144 23.17 -25.47 -12.51
CA GLY B 144 24.43 -25.54 -11.82
C GLY B 144 25.41 -26.50 -12.46
N ASN B 145 26.55 -26.69 -11.80
CA ASN B 145 27.57 -27.60 -12.28
C ASN B 145 27.20 -29.06 -12.02
N LYS B 146 26.46 -29.34 -10.95
CA LYS B 146 26.09 -30.71 -10.62
C LYS B 146 25.11 -31.24 -11.66
N PRO B 147 25.36 -32.42 -12.23
CA PRO B 147 24.43 -32.95 -13.23
C PRO B 147 23.10 -33.35 -12.61
N CYS B 148 22.03 -33.17 -13.39
CA CYS B 148 20.70 -33.62 -13.01
C CYS B 148 20.44 -34.98 -13.64
N ASN B 149 19.74 -35.84 -12.92
CA ASN B 149 19.51 -37.21 -13.39
C ASN B 149 18.03 -37.48 -13.60
N GLY B 150 17.33 -36.56 -14.23
CA GLY B 150 15.91 -36.73 -14.47
C GLY B 150 15.01 -36.45 -13.29
N VAL B 151 15.55 -35.86 -12.22
CA VAL B 151 14.78 -35.52 -11.03
C VAL B 151 14.93 -34.03 -10.77
N ALA B 152 13.82 -33.39 -10.42
CA ALA B 152 13.83 -31.96 -10.13
C ALA B 152 14.29 -31.74 -8.69
N GLY B 153 15.12 -30.71 -8.49
CA GLY B 153 15.63 -30.40 -7.17
C GLY B 153 16.34 -29.06 -7.15
N PHE B 154 17.48 -29.00 -6.46
CA PHE B 154 18.27 -27.78 -6.43
C PHE B 154 18.98 -27.59 -7.76
N ASN B 155 18.79 -26.43 -8.39
CA ASN B 155 19.39 -26.07 -9.66
C ASN B 155 19.00 -27.02 -10.79
N CYS B 156 17.90 -27.75 -10.63
CA CYS B 156 17.34 -28.58 -11.69
C CYS B 156 15.85 -28.29 -11.75
N TYR B 157 15.38 -27.82 -12.91
CA TYR B 157 14.03 -27.31 -13.05
C TYR B 157 13.30 -27.99 -14.21
N PHE B 158 11.98 -28.05 -14.09
CA PHE B 158 11.11 -28.46 -15.19
C PHE B 158 10.85 -27.24 -16.07
N PRO B 159 11.07 -27.32 -17.39
CA PRO B 159 11.07 -26.11 -18.23
C PRO B 159 9.70 -25.65 -18.73
N LEU B 160 8.60 -26.24 -18.31
CA LEU B 160 7.28 -25.87 -18.80
C LEU B 160 6.41 -25.39 -17.65
N ARG B 161 5.79 -24.23 -17.83
CA ARG B 161 4.92 -23.62 -16.84
C ARG B 161 3.55 -23.34 -17.44
N SER B 162 2.54 -23.31 -16.59
CA SER B 162 1.15 -23.21 -17.04
C SER B 162 0.56 -21.83 -16.76
N TYR B 163 -0.32 -21.40 -17.64
CA TYR B 163 -1.12 -20.20 -17.41
C TYR B 163 -2.26 -20.51 -16.46
N GLY B 164 -2.68 -19.49 -15.71
CA GLY B 164 -3.73 -19.65 -14.73
C GLY B 164 -4.95 -18.80 -15.00
N PHE B 165 -5.39 -18.78 -16.25
CA PHE B 165 -6.40 -17.82 -16.70
C PHE B 165 -7.67 -17.90 -15.85
N ARG B 166 -8.15 -16.74 -15.41
CA ARG B 166 -9.39 -16.59 -14.67
C ARG B 166 -10.13 -15.36 -15.19
N PRO B 167 -11.46 -15.36 -15.13
CA PRO B 167 -12.22 -14.24 -15.71
C PRO B 167 -12.06 -12.92 -14.96
N THR B 168 -11.53 -12.93 -13.74
CA THR B 168 -11.41 -11.73 -12.94
C THR B 168 -10.13 -10.95 -13.24
N TYR B 169 -9.21 -11.53 -13.99
CA TYR B 169 -7.91 -10.91 -14.24
C TYR B 169 -8.06 -9.60 -15.01
N GLY B 170 -7.00 -8.81 -15.00
CA GLY B 170 -6.98 -7.54 -15.68
C GLY B 170 -6.82 -7.67 -17.18
N VAL B 171 -6.86 -6.52 -17.86
CA VAL B 171 -6.89 -6.50 -19.32
C VAL B 171 -5.62 -7.13 -19.88
N GLY B 172 -4.48 -6.91 -19.23
CA GLY B 172 -3.24 -7.47 -19.70
C GLY B 172 -2.98 -8.91 -19.33
N HIS B 173 -3.99 -9.61 -18.78
CA HIS B 173 -3.81 -10.98 -18.35
C HIS B 173 -4.83 -11.96 -18.91
N GLN B 174 -5.87 -11.50 -19.62
CA GLN B 174 -6.75 -12.46 -20.28
C GLN B 174 -6.04 -13.13 -21.45
N PRO B 175 -6.49 -14.31 -21.84
CA PRO B 175 -5.92 -14.96 -23.04
C PRO B 175 -6.27 -14.19 -24.30
N TYR B 176 -5.35 -14.25 -25.26
CA TYR B 176 -5.54 -13.66 -26.58
C TYR B 176 -5.20 -14.71 -27.63
N ARG B 177 -6.11 -14.92 -28.59
CA ARG B 177 -5.87 -15.85 -29.69
C ARG B 177 -5.14 -15.14 -30.82
N VAL B 178 -4.06 -15.75 -31.30
CA VAL B 178 -3.18 -15.14 -32.29
C VAL B 178 -3.11 -16.05 -33.51
N VAL B 179 -3.33 -15.47 -34.69
CA VAL B 179 -3.16 -16.16 -35.95
C VAL B 179 -2.17 -15.37 -36.80
N VAL B 180 -1.12 -16.04 -37.27
CA VAL B 180 -0.06 -15.41 -38.07
C VAL B 180 -0.10 -16.01 -39.47
N LEU B 181 -0.11 -15.15 -40.48
CA LEU B 181 -0.14 -15.55 -41.88
C LEU B 181 1.17 -15.20 -42.55
N SER B 182 1.70 -16.13 -43.34
CA SER B 182 2.97 -15.95 -44.03
C SER B 182 2.79 -16.23 -45.52
N PHE B 183 3.32 -15.34 -46.35
CA PHE B 183 3.23 -15.44 -47.80
C PHE B 183 4.63 -15.62 -48.39
N GLU B 184 4.79 -16.62 -49.24
CA GLU B 184 6.06 -16.85 -49.92
C GLU B 184 5.79 -17.17 -51.39
N LEU B 185 6.73 -16.77 -52.25
CA LEU B 185 6.64 -16.96 -53.70
C LEU B 185 7.85 -17.79 -54.13
N LEU B 186 7.59 -19.04 -54.51
CA LEU B 186 8.64 -19.96 -54.91
C LEU B 186 8.77 -20.01 -56.43
N HIS B 187 9.50 -21.01 -56.92
CA HIS B 187 9.65 -21.22 -58.35
C HIS B 187 8.39 -21.80 -58.97
N ALA B 188 7.56 -22.48 -58.19
CA ALA B 188 6.33 -23.05 -58.70
C ALA B 188 5.35 -21.93 -59.07
N PRO B 189 4.39 -22.20 -59.95
CA PRO B 189 3.42 -21.17 -60.32
C PRO B 189 2.59 -20.72 -59.12
N ALA B 190 2.27 -19.42 -59.10
CA ALA B 190 1.42 -18.86 -58.07
C ALA B 190 -0.01 -19.36 -58.22
N THR B 191 -0.54 -20.03 -57.20
CA THR B 191 -1.82 -20.71 -57.30
C THR B 191 -2.91 -20.16 -56.40
N VAL B 192 -2.58 -19.23 -55.49
CA VAL B 192 -3.57 -18.64 -54.60
C VAL B 192 -3.76 -17.17 -54.98
N CYS B 193 -5.00 -16.79 -55.28
CA CYS B 193 -5.33 -15.42 -55.62
C CYS B 193 -6.64 -15.00 -54.97
N GLY B 194 -7.14 -13.81 -55.30
CA GLY B 194 -8.34 -13.30 -54.67
C GLY B 194 -9.63 -13.47 -55.47
C1 NAG C . -10.21 22.39 -14.66
C2 NAG C . -11.15 23.29 -13.84
C3 NAG C . -12.60 23.07 -14.29
C4 NAG C . -12.73 23.27 -15.80
C5 NAG C . -11.74 22.37 -16.52
C6 NAG C . -11.73 22.59 -18.02
C7 NAG C . -10.45 23.92 -11.58
C8 NAG C . -10.38 23.50 -10.15
N2 NAG C . -11.01 23.04 -12.43
O3 NAG C . -13.44 24.00 -13.61
O4 NAG C . -14.05 22.93 -16.20
O5 NAG C . -10.41 22.63 -16.05
O6 NAG C . -10.46 23.05 -18.46
O7 NAG C . -10.01 24.99 -11.97
C1 NAG C . -14.72 24.11 -16.70
C2 NAG C . -16.17 23.75 -17.01
C3 NAG C . -16.94 24.99 -17.47
C4 NAG C . -16.79 26.12 -16.46
C5 NAG C . -15.31 26.38 -16.19
C6 NAG C . -15.09 27.43 -15.11
C7 NAG C . -16.34 21.41 -17.71
C8 NAG C . -16.41 20.46 -18.87
N2 NAG C . -16.24 22.70 -18.02
O3 NAG C . -18.32 24.66 -17.63
O4 NAG C . -17.39 27.30 -16.97
O5 NAG C . -14.69 25.17 -15.74
O6 NAG C . -14.13 28.39 -15.52
O7 NAG C . -16.39 21.01 -16.55
ZN ZN D . -4.99 5.02 3.83
C1 NAG E . -22.25 -16.17 0.33
C2 NAG E . -22.73 -16.06 -1.11
C3 NAG E . -23.88 -17.02 -1.37
C4 NAG E . -23.47 -18.44 -0.98
C5 NAG E . -22.97 -18.46 0.46
C6 NAG E . -22.43 -19.81 0.88
C7 NAG E . -22.93 -14.13 -2.61
C8 NAG E . -23.40 -12.72 -2.76
N2 NAG E . -23.13 -14.70 -1.42
O3 NAG E . -24.23 -16.98 -2.75
O4 NAG E . -24.60 -19.31 -1.09
O5 NAG E . -21.89 -17.53 0.61
O6 NAG E . -21.09 -19.71 1.35
O7 NAG E . -22.39 -14.73 -3.53
C1 NAG F . 21.73 -25.02 1.77
C2 NAG F . 20.59 -26.03 1.55
C3 NAG F . 21.14 -27.43 1.30
C4 NAG F . 22.28 -27.34 0.30
C5 NAG F . 23.46 -26.62 0.93
C6 NAG F . 24.26 -25.79 -0.05
C7 NAG F . 18.35 -26.25 2.55
C8 NAG F . 17.56 -26.24 3.80
N2 NAG F . 19.67 -26.05 2.68
O3 NAG F . 20.11 -28.27 0.80
O4 NAG F . 22.69 -28.65 -0.09
O5 NAG F . 23.02 -25.74 1.98
O6 NAG F . 24.85 -24.67 0.58
O7 NAG F . 17.84 -26.46 1.45
#